data_1NVD
#
_entry.id   1NVD
#
_cell.length_a   64.030
_cell.length_b   70.030
_cell.length_c   197.630
_cell.angle_alpha   90.00
_cell.angle_beta   90.00
_cell.angle_gamma   90.00
#
_symmetry.space_group_name_H-M   'P 21 21 21'
#
loop_
_entity.id
_entity.type
_entity.pdbx_description
1 polymer '3-DEHYDROQUINATE SYNTHASE'
2 non-polymer 'ZINC ION'
3 non-polymer 'CHLORIDE ION'
4 non-polymer '[1R-(1ALPHA,3BETA,4ALPHA,5BETA)]-5-(PHOSPHONOMETHYL)-1,3,4-TRIHYDROXYCYCLOHEXANE-1-CARBOXYLIC ACID'
5 water water
#
_entity_poly.entity_id   1
_entity_poly.type   'polypeptide(L)'
_entity_poly.pdbx_seq_one_letter_code
;MSNPTKISILGRESIIADFGLWRNYVAKDLISDCSSTTYVLVTDTNIGSIYTPSFEEAFRKRAAEITPSPRLLIYNRPPG
EVSKSRQTKADIEDWMLSQNPPCGRDTVVIALGGGVIGDLTGFVASTYMRGVRYVQVPTTLLAMVDSSIGGKTAIDTPLG
KNLIGAIWQPTKIYIDLEFLETLPVREFINGMAEVIKTAAISSEEEFTALEENAETILKAVRREVTPGEHRFEGTEEILK
ARILASARHKAYVVSADEREGGLRNLLNWGHSIGHAIEAILTPQILHGECVAIGMVKEAELARHLGILKGVAVSRIVKCL
AAYGLPTSLKDARIRKLTAGKHCSVDQLMFNMALDKKNDGPKKKIVLLSAIGTPYETRASVVANEDIRVVLAP
;
_entity_poly.pdbx_strand_id   A,B
#
# COMPACT_ATOMS: atom_id res chain seq x y z
N PRO A 4 27.14 -15.86 -11.79
CA PRO A 4 25.68 -15.57 -11.87
C PRO A 4 24.86 -16.51 -10.98
N THR A 5 24.51 -16.03 -9.78
CA THR A 5 23.74 -16.83 -8.84
C THR A 5 22.32 -16.29 -8.66
N LYS A 6 21.34 -17.19 -8.63
CA LYS A 6 19.95 -16.80 -8.47
C LYS A 6 19.31 -17.38 -7.22
N ILE A 7 18.59 -16.54 -6.50
CA ILE A 7 17.88 -16.95 -5.30
C ILE A 7 16.40 -16.77 -5.57
N SER A 8 15.58 -17.63 -5.01
CA SER A 8 14.15 -17.53 -5.21
C SER A 8 13.46 -17.05 -3.94
N ILE A 9 12.41 -16.27 -4.12
CA ILE A 9 11.66 -15.76 -2.98
C ILE A 9 10.19 -15.78 -3.38
N LEU A 10 9.34 -16.18 -2.45
CA LEU A 10 7.91 -16.25 -2.70
C LEU A 10 7.60 -16.88 -4.08
N GLY A 11 8.17 -18.06 -4.31
CA GLY A 11 7.92 -18.77 -5.56
C GLY A 11 8.57 -18.29 -6.84
N ARG A 12 9.30 -17.18 -6.80
CA ARG A 12 9.94 -16.69 -8.02
C ARG A 12 11.45 -16.43 -7.92
N GLU A 13 12.15 -16.54 -9.04
CA GLU A 13 13.59 -16.29 -9.11
C GLU A 13 13.82 -14.83 -9.46
N SER A 14 13.44 -13.94 -8.55
CA SER A 14 13.56 -12.51 -8.73
C SER A 14 14.94 -11.96 -8.38
N ILE A 15 15.72 -12.72 -7.64
CA ILE A 15 17.05 -12.30 -7.22
C ILE A 15 18.20 -12.76 -8.11
N ILE A 16 18.94 -11.80 -8.66
CA ILE A 16 20.09 -12.09 -9.52
C ILE A 16 21.30 -11.49 -8.81
N ALA A 17 22.36 -12.27 -8.64
CA ALA A 17 23.56 -11.80 -7.96
C ALA A 17 24.82 -12.06 -8.77
N ASP A 18 25.57 -11.01 -9.07
CA ASP A 18 26.79 -11.15 -9.85
C ASP A 18 27.57 -9.85 -9.79
N PHE A 19 28.78 -9.88 -10.35
CA PHE A 19 29.63 -8.70 -10.39
C PHE A 19 29.52 -8.05 -11.78
N GLY A 20 29.06 -6.80 -11.81
CA GLY A 20 28.92 -6.10 -13.08
C GLY A 20 27.51 -6.04 -13.65
N LEU A 21 26.53 -6.60 -12.94
CA LEU A 21 25.14 -6.59 -13.41
C LEU A 21 24.70 -5.22 -13.90
N TRP A 22 25.07 -4.17 -13.18
CA TRP A 22 24.72 -2.82 -13.56
C TRP A 22 25.23 -2.47 -14.95
N ARG A 23 26.54 -2.56 -15.13
CA ARG A 23 27.16 -2.21 -16.42
C ARG A 23 26.65 -2.97 -17.65
N ASN A 24 26.39 -4.27 -17.52
CA ASN A 24 25.94 -5.02 -18.68
C ASN A 24 24.84 -6.07 -18.54
N TYR A 25 23.87 -5.86 -17.64
CA TYR A 25 22.80 -6.85 -17.49
C TYR A 25 21.42 -6.24 -17.17
N VAL A 26 21.39 -5.26 -16.27
CA VAL A 26 20.13 -4.64 -15.86
C VAL A 26 19.32 -4.11 -17.03
N ALA A 27 19.86 -3.09 -17.71
CA ALA A 27 19.18 -2.49 -18.85
C ALA A 27 18.55 -3.53 -19.76
N LYS A 28 19.38 -4.44 -20.26
CA LYS A 28 18.94 -5.51 -21.14
C LYS A 28 17.81 -6.34 -20.54
N ASP A 29 17.98 -6.74 -19.28
CA ASP A 29 16.98 -7.56 -18.59
C ASP A 29 15.65 -6.81 -18.35
N LEU A 30 15.74 -5.53 -18.03
CA LEU A 30 14.54 -4.73 -17.82
C LEU A 30 13.68 -4.71 -19.08
N ILE A 31 14.31 -4.45 -20.23
CA ILE A 31 13.61 -4.38 -21.50
C ILE A 31 12.88 -5.67 -21.88
N SER A 32 13.48 -6.82 -21.56
CA SER A 32 12.88 -8.10 -21.92
C SER A 32 11.92 -8.71 -20.90
N ASP A 33 12.29 -8.69 -19.63
CA ASP A 33 11.46 -9.27 -18.57
C ASP A 33 10.56 -8.28 -17.85
N CYS A 34 10.81 -7.00 -18.04
CA CYS A 34 10.00 -5.96 -17.43
C CYS A 34 9.58 -5.02 -18.52
N SER A 35 8.95 -5.59 -19.54
CA SER A 35 8.46 -4.83 -20.69
C SER A 35 7.58 -3.67 -20.27
N SER A 36 7.84 -2.50 -20.86
CA SER A 36 7.08 -1.29 -20.56
C SER A 36 7.50 -0.13 -21.45
N THR A 37 6.67 0.90 -21.50
CA THR A 37 6.95 2.10 -22.29
C THR A 37 7.63 3.13 -21.40
N THR A 38 7.55 2.93 -20.09
CA THR A 38 8.11 3.90 -19.18
C THR A 38 8.92 3.34 -18.01
N TYR A 39 10.13 3.87 -17.84
CA TYR A 39 11.02 3.47 -16.75
C TYR A 39 11.43 4.69 -15.93
N VAL A 40 11.17 4.61 -14.62
CA VAL A 40 11.48 5.69 -13.71
C VAL A 40 12.60 5.25 -12.77
N LEU A 41 13.72 5.96 -12.82
CA LEU A 41 14.84 5.65 -11.96
C LEU A 41 14.93 6.65 -10.82
N VAL A 42 14.99 6.16 -9.59
CA VAL A 42 15.10 7.02 -8.41
C VAL A 42 16.40 6.74 -7.65
N THR A 43 17.10 7.81 -7.28
CA THR A 43 18.35 7.72 -6.51
C THR A 43 18.52 9.01 -5.74
N ASP A 44 19.73 9.24 -5.26
CA ASP A 44 20.05 10.47 -4.54
C ASP A 44 21.14 11.15 -5.36
N THR A 45 21.28 12.45 -5.18
CA THR A 45 22.28 13.22 -5.92
C THR A 45 23.68 12.62 -5.94
N ASN A 46 24.08 11.95 -4.86
CA ASN A 46 25.42 11.34 -4.80
C ASN A 46 25.52 10.13 -5.74
N ILE A 47 24.74 9.10 -5.44
CA ILE A 47 24.75 7.88 -6.24
C ILE A 47 24.48 8.13 -7.72
N GLY A 48 23.52 8.99 -8.01
CA GLY A 48 23.19 9.29 -9.39
C GLY A 48 24.39 9.74 -10.21
N SER A 49 25.00 10.84 -9.80
CA SER A 49 26.17 11.39 -10.49
C SER A 49 27.28 10.40 -10.80
N ILE A 50 27.33 9.29 -10.06
CA ILE A 50 28.36 8.30 -10.27
C ILE A 50 27.94 7.10 -11.10
N TYR A 51 26.68 6.71 -11.01
CA TYR A 51 26.21 5.53 -11.73
C TYR A 51 25.16 5.73 -12.81
N THR A 52 24.55 6.91 -12.88
CA THR A 52 23.51 7.14 -13.87
C THR A 52 24.01 7.22 -15.31
N PRO A 53 25.01 8.08 -15.59
CA PRO A 53 25.53 8.21 -16.95
C PRO A 53 25.72 6.87 -17.64
N SER A 54 26.37 5.95 -16.94
CA SER A 54 26.60 4.62 -17.48
C SER A 54 25.30 3.95 -17.91
N PHE A 55 24.31 4.01 -17.03
CA PHE A 55 23.02 3.36 -17.30
C PHE A 55 22.21 3.98 -18.43
N GLU A 56 22.21 5.30 -18.52
CA GLU A 56 21.45 5.97 -19.57
C GLU A 56 21.83 5.44 -20.92
N GLU A 57 23.14 5.31 -21.16
CA GLU A 57 23.65 4.81 -22.43
C GLU A 57 23.37 3.33 -22.63
N ALA A 58 23.39 2.55 -21.54
CA ALA A 58 23.11 1.12 -21.65
C ALA A 58 21.63 0.95 -21.97
N PHE A 59 20.80 1.82 -21.40
CA PHE A 59 19.36 1.79 -21.62
C PHE A 59 19.02 2.20 -23.06
N ARG A 60 19.48 3.39 -23.44
CA ARG A 60 19.26 3.93 -24.77
C ARG A 60 19.78 2.98 -25.85
N LYS A 61 20.78 2.19 -25.49
CA LYS A 61 21.37 1.24 -26.42
C LYS A 61 20.52 -0.02 -26.57
N ARG A 62 19.77 -0.35 -25.53
CA ARG A 62 18.91 -1.52 -25.57
C ARG A 62 17.53 -1.13 -26.06
N ALA A 63 17.19 0.14 -25.88
CA ALA A 63 15.90 0.66 -26.30
C ALA A 63 15.84 0.92 -27.80
N ALA A 64 16.99 1.25 -28.38
CA ALA A 64 17.08 1.53 -29.81
C ALA A 64 16.43 0.43 -30.66
N GLU A 65 16.66 -0.81 -30.27
CA GLU A 65 16.10 -1.96 -30.98
C GLU A 65 14.58 -1.93 -30.95
N ILE A 66 14.02 -1.64 -29.78
CA ILE A 66 12.57 -1.57 -29.65
C ILE A 66 12.08 -0.34 -30.41
N THR A 67 10.95 -0.48 -31.08
CA THR A 67 10.39 0.63 -31.84
C THR A 67 8.88 0.69 -31.69
N PRO A 68 8.35 1.79 -31.11
CA PRO A 68 9.08 2.97 -30.62
C PRO A 68 9.83 2.69 -29.32
N SER A 69 10.95 3.37 -29.14
CA SER A 69 11.79 3.20 -27.96
C SER A 69 11.09 3.67 -26.68
N PRO A 70 11.25 2.92 -25.59
CA PRO A 70 10.62 3.30 -24.32
C PRO A 70 11.44 4.47 -23.77
N ARG A 71 10.92 5.13 -22.74
CA ARG A 71 11.64 6.25 -22.14
C ARG A 71 12.22 5.91 -20.76
N LEU A 72 13.22 6.65 -20.34
CA LEU A 72 13.84 6.47 -19.03
C LEU A 72 13.82 7.84 -18.37
N LEU A 73 13.13 7.92 -17.23
CA LEU A 73 13.04 9.18 -16.51
C LEU A 73 13.82 9.06 -15.22
N ILE A 74 14.62 10.08 -14.92
CA ILE A 74 15.45 10.04 -13.73
C ILE A 74 15.07 11.09 -12.72
N TYR A 75 14.93 10.67 -11.46
CA TYR A 75 14.58 11.57 -10.37
C TYR A 75 15.63 11.47 -9.27
N ASN A 76 16.26 12.59 -8.97
CA ASN A 76 17.29 12.62 -7.94
C ASN A 76 16.77 13.23 -6.65
N ARG A 77 16.70 12.40 -5.62
CA ARG A 77 16.22 12.85 -4.32
C ARG A 77 17.42 13.22 -3.46
N PRO A 78 17.22 14.07 -2.46
CA PRO A 78 18.35 14.45 -1.59
C PRO A 78 18.87 13.23 -0.83
N PRO A 79 20.19 13.14 -0.64
CA PRO A 79 20.70 11.96 0.09
C PRO A 79 20.35 12.10 1.56
N GLY A 80 20.42 11.00 2.31
CA GLY A 80 20.12 11.06 3.72
C GLY A 80 18.72 10.56 4.08
N GLU A 81 18.57 10.24 5.36
CA GLU A 81 17.32 9.73 5.91
C GLU A 81 16.17 10.72 5.67
N VAL A 82 16.50 12.01 5.58
CA VAL A 82 15.51 13.05 5.38
C VAL A 82 14.59 12.80 4.20
N SER A 83 15.04 12.00 3.25
CA SER A 83 14.22 11.73 2.08
C SER A 83 13.13 10.69 2.25
N LYS A 84 13.21 9.84 3.27
CA LYS A 84 12.13 8.89 3.50
C LYS A 84 11.07 9.68 4.26
N SER A 85 10.38 10.56 3.53
CA SER A 85 9.36 11.41 4.13
C SER A 85 8.10 11.42 3.26
N ARG A 86 7.00 11.89 3.83
CA ARG A 86 5.75 11.98 3.09
C ARG A 86 5.98 12.98 1.97
N GLN A 87 6.64 14.07 2.30
CA GLN A 87 6.93 15.12 1.34
C GLN A 87 7.60 14.57 0.10
N THR A 88 8.70 13.84 0.29
CA THR A 88 9.43 13.27 -0.83
C THR A 88 8.60 12.27 -1.62
N LYS A 89 7.79 11.47 -0.93
CA LYS A 89 6.94 10.49 -1.61
C LYS A 89 6.00 11.26 -2.52
N ALA A 90 5.37 12.28 -1.97
CA ALA A 90 4.44 13.10 -2.74
C ALA A 90 5.12 13.80 -3.92
N ASP A 91 6.35 14.29 -3.72
CA ASP A 91 7.07 14.97 -4.79
C ASP A 91 7.38 14.04 -5.96
N ILE A 92 7.83 12.84 -5.66
CA ILE A 92 8.12 11.89 -6.73
C ILE A 92 6.82 11.51 -7.43
N GLU A 93 5.76 11.36 -6.64
CA GLU A 93 4.46 11.01 -7.20
C GLU A 93 3.95 12.08 -8.17
N ASP A 94 3.88 13.32 -7.71
CA ASP A 94 3.42 14.41 -8.56
C ASP A 94 4.25 14.47 -9.84
N TRP A 95 5.57 14.36 -9.68
CA TRP A 95 6.50 14.38 -10.81
C TRP A 95 6.16 13.30 -11.83
N MET A 96 5.84 12.11 -11.35
CA MET A 96 5.50 11.01 -12.24
C MET A 96 4.20 11.29 -12.99
N LEU A 97 3.21 11.80 -12.28
CA LEU A 97 1.90 12.09 -12.85
C LEU A 97 1.90 13.24 -13.86
N SER A 98 2.78 14.22 -13.63
CA SER A 98 2.88 15.39 -14.49
C SER A 98 3.77 15.20 -15.71
N GLN A 99 4.29 13.99 -15.90
CA GLN A 99 5.13 13.73 -17.05
C GLN A 99 4.24 13.74 -18.28
N ASN A 100 4.85 13.91 -19.45
CA ASN A 100 4.10 13.96 -20.70
C ASN A 100 4.61 12.93 -21.71
N PRO A 101 3.88 11.82 -21.87
CA PRO A 101 2.64 11.50 -21.14
C PRO A 101 2.86 11.07 -19.70
N PRO A 102 1.80 11.14 -18.88
CA PRO A 102 1.89 10.75 -17.47
C PRO A 102 2.33 9.30 -17.36
N CYS A 103 2.98 8.96 -16.26
CA CYS A 103 3.41 7.59 -16.03
C CYS A 103 2.17 6.81 -15.60
N GLY A 104 1.90 5.69 -16.27
CA GLY A 104 0.73 4.91 -15.95
C GLY A 104 1.04 3.63 -15.20
N ARG A 105 0.08 2.71 -15.21
CA ARG A 105 0.25 1.45 -14.51
C ARG A 105 1.25 0.45 -15.11
N ASP A 106 1.84 0.78 -16.25
CA ASP A 106 2.81 -0.14 -16.86
C ASP A 106 4.21 0.27 -16.41
N THR A 107 4.29 1.43 -15.76
CA THR A 107 5.55 1.97 -15.28
C THR A 107 6.31 0.96 -14.45
N VAL A 108 7.61 0.87 -14.74
CA VAL A 108 8.51 -0.02 -14.02
C VAL A 108 9.50 0.90 -13.31
N VAL A 109 9.38 0.96 -11.99
CA VAL A 109 10.25 1.81 -11.19
C VAL A 109 11.54 1.11 -10.80
N ILE A 110 12.63 1.86 -10.81
CA ILE A 110 13.96 1.34 -10.49
C ILE A 110 14.55 2.05 -9.28
N ALA A 111 14.72 1.30 -8.19
CA ALA A 111 15.31 1.86 -6.97
C ALA A 111 16.82 1.63 -6.98
N LEU A 112 17.57 2.70 -7.21
CA LEU A 112 19.03 2.60 -7.23
C LEU A 112 19.62 3.31 -6.02
N GLY A 113 20.00 2.53 -5.01
CA GLY A 113 20.57 3.13 -3.83
C GLY A 113 20.53 2.18 -2.66
N GLY A 114 20.60 2.74 -1.45
CA GLY A 114 20.56 1.93 -0.25
C GLY A 114 19.16 1.77 0.29
N GLY A 115 19.06 1.50 1.60
CA GLY A 115 17.77 1.30 2.24
C GLY A 115 16.85 2.50 2.11
N VAL A 116 17.40 3.72 2.18
CA VAL A 116 16.58 4.91 2.07
C VAL A 116 15.87 4.94 0.73
N ILE A 117 16.65 4.99 -0.35
CA ILE A 117 16.09 5.01 -1.69
C ILE A 117 15.17 3.80 -1.88
N GLY A 118 15.63 2.62 -1.48
CA GLY A 118 14.85 1.41 -1.62
C GLY A 118 13.50 1.49 -0.91
N ASP A 119 13.52 1.78 0.39
CA ASP A 119 12.28 1.90 1.16
C ASP A 119 11.33 2.93 0.53
N LEU A 120 11.89 4.09 0.17
CA LEU A 120 11.10 5.16 -0.40
C LEU A 120 10.51 4.78 -1.75
N THR A 121 11.38 4.39 -2.67
CA THR A 121 10.97 4.01 -4.01
C THR A 121 9.97 2.86 -4.01
N GLY A 122 10.25 1.83 -3.22
CA GLY A 122 9.35 0.68 -3.15
C GLY A 122 7.98 1.11 -2.67
N PHE A 123 7.95 2.06 -1.73
CA PHE A 123 6.67 2.52 -1.20
C PHE A 123 5.89 3.30 -2.25
N VAL A 124 6.60 4.09 -3.03
CA VAL A 124 5.97 4.88 -4.09
C VAL A 124 5.34 3.95 -5.13
N ALA A 125 6.03 2.86 -5.44
CA ALA A 125 5.52 1.91 -6.43
C ALA A 125 4.27 1.18 -5.93
N SER A 126 4.24 0.84 -4.65
CA SER A 126 3.10 0.11 -4.09
C SER A 126 1.79 0.85 -4.17
N THR A 127 1.83 2.17 -4.02
CA THR A 127 0.59 2.95 -4.06
C THR A 127 0.35 3.78 -5.33
N TYR A 128 1.32 3.83 -6.24
CA TYR A 128 1.16 4.60 -7.47
C TYR A 128 0.07 3.97 -8.33
N MET A 129 -1.07 4.66 -8.42
CA MET A 129 -2.23 4.14 -9.16
C MET A 129 -2.58 2.78 -8.59
N ARG A 130 -2.38 2.65 -7.29
CA ARG A 130 -2.66 1.43 -6.53
C ARG A 130 -1.65 0.32 -6.78
N GLY A 131 -0.50 0.67 -7.34
CA GLY A 131 0.53 -0.33 -7.56
C GLY A 131 1.08 -0.56 -8.96
N VAL A 132 2.40 -0.37 -9.10
CA VAL A 132 3.12 -0.61 -10.35
C VAL A 132 4.34 -1.45 -10.00
N ARG A 133 4.97 -2.02 -11.02
CA ARG A 133 6.14 -2.85 -10.80
C ARG A 133 7.35 -2.01 -10.43
N TYR A 134 8.31 -2.63 -9.75
CA TYR A 134 9.55 -1.95 -9.43
C TYR A 134 10.64 -2.99 -9.18
N VAL A 135 11.89 -2.57 -9.39
CA VAL A 135 13.04 -3.44 -9.16
C VAL A 135 14.00 -2.77 -8.18
N GLN A 136 14.79 -3.60 -7.50
CA GLN A 136 15.76 -3.11 -6.53
C GLN A 136 17.19 -3.26 -7.04
N VAL A 137 17.96 -2.18 -6.93
CA VAL A 137 19.38 -2.19 -7.32
C VAL A 137 20.14 -1.63 -6.12
N PRO A 138 20.36 -2.47 -5.10
CA PRO A 138 21.07 -2.09 -3.87
C PRO A 138 22.53 -1.76 -4.12
N THR A 139 22.92 -0.56 -3.73
CA THR A 139 24.30 -0.09 -3.91
C THR A 139 25.11 -0.15 -2.61
N THR A 140 24.46 -0.53 -1.51
CA THR A 140 25.16 -0.66 -0.22
C THR A 140 25.11 -2.10 0.26
N LEU A 141 26.04 -2.46 1.13
CA LEU A 141 26.09 -3.82 1.67
C LEU A 141 24.81 -4.15 2.41
N LEU A 142 24.38 -3.24 3.28
CA LEU A 142 23.17 -3.46 4.04
C LEU A 142 21.99 -3.72 3.10
N ALA A 143 21.92 -2.95 2.01
CA ALA A 143 20.83 -3.13 1.07
C ALA A 143 20.92 -4.49 0.37
N MET A 144 22.13 -4.87 -0.03
CA MET A 144 22.36 -6.13 -0.70
C MET A 144 22.06 -7.34 0.17
N VAL A 145 22.35 -7.25 1.46
CA VAL A 145 22.13 -8.38 2.35
C VAL A 145 20.82 -8.37 3.10
N ASP A 146 20.06 -7.28 2.99
CA ASP A 146 18.82 -7.22 3.74
C ASP A 146 17.67 -6.39 3.20
N SER A 147 17.77 -5.07 3.32
CA SER A 147 16.73 -4.14 2.90
C SER A 147 16.06 -4.35 1.54
N SER A 148 16.84 -4.60 0.49
CA SER A 148 16.28 -4.79 -0.85
C SER A 148 15.52 -6.08 -1.03
N ILE A 149 15.53 -6.94 -0.02
CA ILE A 149 14.85 -8.23 -0.10
C ILE A 149 13.66 -8.35 0.84
N GLY A 150 12.57 -8.92 0.33
CA GLY A 150 11.40 -9.12 1.18
C GLY A 150 10.18 -8.23 1.00
N GLY A 151 10.32 -7.14 0.26
CA GLY A 151 9.16 -6.28 0.03
C GLY A 151 8.76 -5.21 1.04
N LYS A 152 9.39 -5.16 2.22
CA LYS A 152 9.01 -4.12 3.19
C LYS A 152 9.47 -2.76 2.72
N THR A 153 8.56 -1.80 2.70
CA THR A 153 8.87 -0.43 2.30
C THR A 153 8.23 0.50 3.30
N ALA A 154 8.70 1.75 3.36
CA ALA A 154 8.14 2.70 4.30
C ALA A 154 8.85 4.05 4.27
N ILE A 155 8.23 5.02 4.93
CA ILE A 155 8.81 6.36 5.09
C ILE A 155 8.67 6.65 6.58
N ASP A 156 9.32 7.70 7.03
CA ASP A 156 9.25 8.07 8.44
C ASP A 156 8.31 9.25 8.62
N THR A 157 7.89 9.47 9.87
CA THR A 157 7.03 10.59 10.20
C THR A 157 7.70 11.27 11.39
N PRO A 158 7.30 12.51 11.68
CA PRO A 158 7.90 13.23 12.80
C PRO A 158 7.89 12.42 14.10
N LEU A 159 6.92 11.54 14.23
CA LEU A 159 6.77 10.72 15.43
C LEU A 159 7.63 9.46 15.46
N GLY A 160 8.18 9.06 14.33
CA GLY A 160 9.00 7.86 14.34
C GLY A 160 9.46 7.32 13.00
N LYS A 161 10.17 6.19 13.04
CA LYS A 161 10.71 5.54 11.86
C LYS A 161 9.89 4.36 11.37
N ASN A 162 9.72 4.27 10.04
CA ASN A 162 8.97 3.19 9.41
C ASN A 162 7.58 2.98 10.00
N LEU A 163 6.82 4.06 10.18
CA LEU A 163 5.48 3.93 10.74
C LEU A 163 4.41 3.78 9.66
N ILE A 164 4.68 4.32 8.49
CA ILE A 164 3.75 4.24 7.36
C ILE A 164 4.45 3.51 6.23
N GLY A 165 3.83 2.49 5.65
CA GLY A 165 4.46 1.78 4.56
C GLY A 165 3.64 0.68 3.93
N ALA A 166 4.31 -0.27 3.31
CA ALA A 166 3.63 -1.38 2.64
C ALA A 166 4.58 -2.51 2.27
N ILE A 167 4.04 -3.70 2.10
CA ILE A 167 4.82 -4.86 1.69
C ILE A 167 4.49 -4.99 0.22
N TRP A 168 5.45 -4.62 -0.62
CA TRP A 168 5.28 -4.66 -2.07
C TRP A 168 6.54 -5.32 -2.59
N GLN A 169 6.40 -6.53 -3.12
CA GLN A 169 7.56 -7.27 -3.62
C GLN A 169 8.09 -6.73 -4.95
N PRO A 170 9.41 -6.55 -5.04
CA PRO A 170 10.01 -6.05 -6.27
C PRO A 170 9.98 -7.19 -7.29
N THR A 171 9.86 -6.86 -8.58
CA THR A 171 9.81 -7.88 -9.62
C THR A 171 11.17 -8.52 -9.82
N LYS A 172 12.23 -7.74 -9.60
CA LYS A 172 13.60 -8.22 -9.74
C LYS A 172 14.47 -7.60 -8.66
N ILE A 173 15.51 -8.34 -8.26
CA ILE A 173 16.46 -7.84 -7.26
C ILE A 173 17.86 -8.04 -7.83
N TYR A 174 18.51 -6.95 -8.21
CA TYR A 174 19.83 -7.00 -8.79
C TYR A 174 20.93 -6.69 -7.78
N ILE A 175 21.63 -7.74 -7.33
CA ILE A 175 22.71 -7.57 -6.37
C ILE A 175 24.05 -7.56 -7.11
N ASP A 176 24.58 -6.37 -7.33
CA ASP A 176 25.85 -6.19 -8.05
C ASP A 176 26.98 -5.88 -7.07
N LEU A 177 27.76 -6.91 -6.73
CA LEU A 177 28.87 -6.75 -5.79
C LEU A 177 29.83 -5.62 -6.15
N GLU A 178 29.87 -5.23 -7.42
CA GLU A 178 30.76 -4.18 -7.86
C GLU A 178 30.48 -2.84 -7.18
N PHE A 179 29.23 -2.62 -6.76
CA PHE A 179 28.88 -1.37 -6.08
C PHE A 179 29.67 -1.23 -4.78
N LEU A 180 30.06 -2.36 -4.19
CA LEU A 180 30.82 -2.37 -2.95
C LEU A 180 32.24 -1.80 -3.12
N GLU A 181 32.71 -1.74 -4.36
CA GLU A 181 34.04 -1.22 -4.63
C GLU A 181 34.23 0.20 -4.10
N THR A 182 33.19 1.01 -4.20
CA THR A 182 33.26 2.40 -3.75
C THR A 182 32.53 2.72 -2.45
N LEU A 183 32.01 1.69 -1.79
CA LEU A 183 31.27 1.88 -0.54
C LEU A 183 32.18 2.25 0.63
N PRO A 184 31.94 3.42 1.27
CA PRO A 184 32.73 3.88 2.41
C PRO A 184 32.84 2.83 3.50
N VAL A 185 34.02 2.77 4.12
CA VAL A 185 34.28 1.80 5.18
C VAL A 185 33.16 1.76 6.22
N ARG A 186 32.74 2.92 6.71
CA ARG A 186 31.68 2.98 7.71
C ARG A 186 30.41 2.28 7.21
N GLU A 187 29.97 2.65 6.01
CA GLU A 187 28.78 2.04 5.41
C GLU A 187 28.93 0.52 5.34
N PHE A 188 30.10 0.05 4.93
CA PHE A 188 30.33 -1.39 4.83
C PHE A 188 30.15 -2.03 6.21
N ILE A 189 30.74 -1.40 7.23
CA ILE A 189 30.63 -1.89 8.60
C ILE A 189 29.17 -1.91 9.03
N ASN A 190 28.45 -0.87 8.61
CA ASN A 190 27.04 -0.73 8.94
C ASN A 190 26.26 -1.98 8.49
N GLY A 191 26.45 -2.36 7.23
CA GLY A 191 25.77 -3.53 6.69
C GLY A 191 26.11 -4.84 7.37
N MET A 192 27.33 -4.97 7.88
CA MET A 192 27.74 -6.20 8.56
C MET A 192 26.87 -6.48 9.78
N ALA A 193 26.29 -5.43 10.34
CA ALA A 193 25.42 -5.59 11.50
C ALA A 193 24.26 -6.51 11.15
N GLU A 194 23.73 -6.36 9.93
CA GLU A 194 22.60 -7.19 9.48
C GLU A 194 23.06 -8.59 9.11
N VAL A 195 24.25 -8.70 8.55
CA VAL A 195 24.78 -10.00 8.17
C VAL A 195 24.93 -10.87 9.42
N ILE A 196 25.50 -10.29 10.47
CA ILE A 196 25.71 -10.99 11.73
C ILE A 196 24.37 -11.34 12.36
N LYS A 197 23.42 -10.42 12.30
CA LYS A 197 22.10 -10.66 12.86
C LYS A 197 21.46 -11.88 12.20
N THR A 198 21.47 -11.89 10.87
CA THR A 198 20.87 -12.98 10.10
C THR A 198 21.45 -14.34 10.44
N ALA A 199 22.75 -14.39 10.67
CA ALA A 199 23.39 -15.65 11.00
C ALA A 199 23.03 -16.08 12.43
N ALA A 200 23.02 -15.11 13.34
CA ALA A 200 22.73 -15.37 14.74
C ALA A 200 21.37 -15.98 14.98
N ILE A 201 20.46 -15.82 14.02
CA ILE A 201 19.12 -16.37 14.18
C ILE A 201 18.87 -17.59 13.32
N SER A 202 19.88 -17.99 12.53
CA SER A 202 19.72 -19.12 11.64
C SER A 202 20.69 -20.29 11.83
N SER A 203 22.00 -20.04 11.81
CA SER A 203 22.95 -21.13 11.98
C SER A 203 24.26 -20.76 12.67
N GLU A 204 24.70 -21.63 13.57
CA GLU A 204 25.93 -21.41 14.32
C GLU A 204 27.12 -21.57 13.40
N GLU A 205 26.97 -22.37 12.33
CA GLU A 205 28.06 -22.58 11.39
C GLU A 205 28.36 -21.31 10.61
N GLU A 206 27.30 -20.65 10.13
CA GLU A 206 27.47 -19.42 9.36
C GLU A 206 28.07 -18.35 10.26
N PHE A 207 27.62 -18.32 11.51
CA PHE A 207 28.11 -17.33 12.47
C PHE A 207 29.58 -17.54 12.74
N THR A 208 30.00 -18.81 12.79
CA THR A 208 31.40 -19.14 13.02
C THR A 208 32.19 -18.64 11.83
N ALA A 209 31.58 -18.76 10.65
CA ALA A 209 32.22 -18.32 9.42
C ALA A 209 32.49 -16.82 9.47
N LEU A 210 31.57 -16.06 10.07
CA LEU A 210 31.72 -14.61 10.16
C LEU A 210 32.83 -14.27 11.15
N GLU A 211 32.91 -15.05 12.23
CA GLU A 211 33.94 -14.83 13.23
C GLU A 211 35.30 -15.08 12.58
N GLU A 212 35.42 -16.23 11.92
CA GLU A 212 36.67 -16.61 11.26
C GLU A 212 37.06 -15.73 10.08
N ASN A 213 36.08 -15.20 9.37
CA ASN A 213 36.36 -14.34 8.22
C ASN A 213 36.64 -12.88 8.56
N ALA A 214 36.22 -12.44 9.74
CA ALA A 214 36.39 -11.05 10.18
C ALA A 214 37.64 -10.37 9.65
N GLU A 215 38.80 -10.81 10.11
CA GLU A 215 40.06 -10.23 9.68
C GLU A 215 40.25 -10.05 8.18
N THR A 216 40.08 -11.13 7.41
CA THR A 216 40.25 -11.08 5.96
C THR A 216 39.33 -10.03 5.33
N ILE A 217 38.06 -10.07 5.73
CA ILE A 217 37.07 -9.13 5.20
C ILE A 217 37.50 -7.70 5.53
N LEU A 218 37.79 -7.47 6.80
CA LEU A 218 38.19 -6.16 7.29
C LEU A 218 39.44 -5.60 6.63
N LYS A 219 40.46 -6.44 6.42
CA LYS A 219 41.68 -5.98 5.79
C LYS A 219 41.39 -5.48 4.38
N ALA A 220 40.54 -6.19 3.65
CA ALA A 220 40.18 -5.78 2.30
C ALA A 220 39.42 -4.45 2.33
N VAL A 221 38.55 -4.30 3.31
CA VAL A 221 37.77 -3.08 3.47
C VAL A 221 38.63 -1.90 3.88
N ARG A 222 39.68 -2.17 4.65
CA ARG A 222 40.59 -1.14 5.14
C ARG A 222 41.75 -0.82 4.19
N ARG A 223 41.94 -1.64 3.16
CA ARG A 223 43.03 -1.41 2.22
C ARG A 223 42.53 -0.55 1.06
N GLU A 224 43.04 0.68 1.00
CA GLU A 224 42.65 1.63 -0.04
C GLU A 224 43.41 1.33 -1.33
N VAL A 225 42.76 0.63 -2.26
CA VAL A 225 43.39 0.28 -3.52
C VAL A 225 42.53 0.63 -4.72
N ARG A 231 38.78 -4.60 -5.20
CA ARG A 231 39.39 -4.39 -3.85
C ARG A 231 39.19 -5.59 -2.96
N PHE A 232 38.41 -6.56 -3.44
CA PHE A 232 38.14 -7.76 -2.67
C PHE A 232 38.81 -8.97 -3.32
N GLU A 233 39.91 -8.70 -4.01
CA GLU A 233 40.69 -9.71 -4.72
C GLU A 233 40.51 -11.16 -4.28
N GLY A 234 41.50 -11.69 -3.57
CA GLY A 234 41.44 -13.07 -3.13
C GLY A 234 40.40 -13.41 -2.06
N THR A 235 39.41 -12.55 -1.89
CA THR A 235 38.38 -12.80 -0.88
C THR A 235 36.98 -12.76 -1.49
N GLU A 236 36.92 -12.44 -2.78
CA GLU A 236 35.67 -12.34 -3.52
C GLU A 236 34.64 -13.41 -3.17
N GLU A 237 34.97 -14.66 -3.49
CA GLU A 237 34.06 -15.76 -3.22
C GLU A 237 33.67 -15.88 -1.75
N ILE A 238 34.53 -15.39 -0.87
CA ILE A 238 34.25 -15.45 0.55
C ILE A 238 33.21 -14.38 0.88
N LEU A 239 33.35 -13.24 0.20
CA LEU A 239 32.44 -12.12 0.39
C LEU A 239 31.07 -12.48 -0.15
N LYS A 240 31.05 -13.09 -1.34
CA LYS A 240 29.82 -13.49 -1.98
C LYS A 240 29.12 -14.58 -1.18
N ALA A 241 29.90 -15.43 -0.54
CA ALA A 241 29.33 -16.51 0.25
C ALA A 241 28.64 -15.99 1.50
N ARG A 242 29.22 -14.97 2.13
CA ARG A 242 28.65 -14.38 3.34
C ARG A 242 27.38 -13.59 3.00
N ILE A 243 27.45 -12.85 1.90
CA ILE A 243 26.30 -12.07 1.44
C ILE A 243 25.13 -13.00 1.11
N LEU A 244 25.38 -13.96 0.22
CA LEU A 244 24.37 -14.92 -0.19
C LEU A 244 23.71 -15.71 0.93
N ALA A 245 24.48 -16.09 1.95
CA ALA A 245 23.91 -16.83 3.07
C ALA A 245 22.87 -15.96 3.77
N SER A 246 23.20 -14.68 3.89
CA SER A 246 22.31 -13.69 4.51
C SER A 246 21.04 -13.58 3.66
N ALA A 247 21.22 -13.28 2.37
CA ALA A 247 20.11 -13.13 1.45
C ALA A 247 19.24 -14.39 1.35
N ARG A 248 19.88 -15.55 1.38
CA ARG A 248 19.12 -16.79 1.31
C ARG A 248 18.25 -17.06 2.53
N HIS A 249 18.75 -16.73 3.72
CA HIS A 249 17.94 -16.98 4.90
C HIS A 249 16.76 -16.03 5.00
N LYS A 250 16.93 -14.81 4.53
CA LYS A 250 15.83 -13.86 4.59
C LYS A 250 14.75 -14.32 3.62
N ALA A 251 15.16 -14.65 2.39
CA ALA A 251 14.22 -15.10 1.37
C ALA A 251 13.41 -16.27 1.95
N TYR A 252 14.08 -17.12 2.70
CA TYR A 252 13.43 -18.27 3.34
C TYR A 252 12.33 -17.83 4.29
N VAL A 253 12.69 -16.97 5.23
CA VAL A 253 11.74 -16.46 6.23
C VAL A 253 10.60 -15.65 5.60
N VAL A 254 10.94 -14.83 4.62
CA VAL A 254 9.93 -14.01 3.97
C VAL A 254 8.96 -14.90 3.19
N SER A 255 9.49 -15.96 2.60
CA SER A 255 8.68 -16.89 1.82
C SER A 255 7.70 -17.63 2.72
N ALA A 256 8.09 -17.86 3.97
CA ALA A 256 7.23 -18.56 4.91
C ALA A 256 6.24 -17.67 5.66
N ASP A 257 6.51 -16.37 5.73
CA ASP A 257 5.62 -15.49 6.46
C ASP A 257 5.74 -14.04 5.97
N GLU A 258 5.44 -13.85 4.69
CA GLU A 258 5.53 -12.54 4.05
C GLU A 258 4.99 -11.33 4.80
N ARG A 259 3.79 -11.44 5.37
CA ARG A 259 3.22 -10.29 6.07
C ARG A 259 3.39 -10.30 7.58
N GLU A 260 4.34 -11.11 8.03
CA GLU A 260 4.70 -11.22 9.44
C GLU A 260 3.65 -11.73 10.42
N GLY A 261 3.11 -12.91 10.15
CA GLY A 261 2.13 -13.48 11.06
C GLY A 261 2.84 -14.05 12.28
N GLY A 262 4.14 -14.30 12.13
CA GLY A 262 4.91 -14.83 13.23
C GLY A 262 6.40 -14.91 12.98
N LEU A 263 6.79 -15.90 12.18
CA LEU A 263 8.19 -16.16 11.85
C LEU A 263 9.01 -14.95 11.40
N ARG A 264 8.43 -14.05 10.62
CA ARG A 264 9.19 -12.89 10.14
C ARG A 264 9.64 -11.94 11.26
N ASN A 265 9.16 -12.17 12.49
CA ASN A 265 9.55 -11.36 13.63
C ASN A 265 11.06 -11.49 13.81
N LEU A 266 11.54 -12.72 13.71
CA LEU A 266 12.95 -13.04 13.91
C LEU A 266 13.91 -12.13 13.15
N LEU A 267 13.52 -11.69 11.95
CA LEU A 267 14.39 -10.81 11.17
C LEU A 267 14.57 -9.49 11.90
N ASN A 268 13.71 -9.25 12.89
CA ASN A 268 13.75 -8.02 13.67
C ASN A 268 14.57 -8.14 14.95
N TRP A 269 15.38 -9.18 15.07
CA TRP A 269 16.20 -9.36 16.27
C TRP A 269 17.12 -8.16 16.41
N GLY A 270 17.21 -7.62 17.62
CA GLY A 270 18.05 -6.48 17.88
C GLY A 270 17.41 -5.15 17.48
N HIS A 271 16.28 -5.22 16.78
CA HIS A 271 15.61 -4.02 16.32
C HIS A 271 14.59 -3.44 17.29
N SER A 272 14.09 -4.26 18.21
CA SER A 272 13.12 -3.74 19.18
C SER A 272 13.81 -2.63 19.95
N ILE A 273 14.95 -2.94 20.54
CA ILE A 273 15.72 -1.96 21.28
C ILE A 273 16.53 -1.10 20.29
N GLY A 274 16.95 -1.71 19.19
CA GLY A 274 17.71 -1.01 18.17
C GLY A 274 17.00 0.20 17.60
N HIS A 275 15.74 0.01 17.20
CA HIS A 275 14.93 1.10 16.66
C HIS A 275 14.71 2.20 17.69
N ALA A 276 14.57 1.79 18.96
CA ALA A 276 14.37 2.73 20.05
C ALA A 276 15.61 3.58 20.14
N ILE A 277 16.78 2.92 20.18
CA ILE A 277 18.07 3.63 20.22
C ILE A 277 18.16 4.57 19.00
N GLU A 278 17.91 4.02 17.82
CA GLU A 278 17.99 4.80 16.58
C GLU A 278 17.16 6.07 16.53
N ALA A 279 15.90 5.98 16.93
CA ALA A 279 15.02 7.15 16.93
C ALA A 279 15.64 8.35 17.65
N ILE A 280 16.59 8.08 18.54
CA ILE A 280 17.26 9.13 19.29
C ILE A 280 18.58 9.56 18.65
N LEU A 281 19.48 8.61 18.42
CA LEU A 281 20.79 8.92 17.86
C LEU A 281 20.85 9.21 16.36
N THR A 282 19.76 8.99 15.64
CA THR A 282 19.73 9.27 14.21
C THR A 282 19.69 10.79 14.05
N PRO A 283 20.26 11.33 12.96
CA PRO A 283 20.93 10.68 11.84
C PRO A 283 22.46 10.56 11.99
N GLN A 284 23.01 11.03 13.12
CA GLN A 284 24.44 10.93 13.32
C GLN A 284 24.89 9.46 13.37
N ILE A 285 24.11 8.64 14.07
CA ILE A 285 24.41 7.21 14.18
C ILE A 285 23.59 6.45 13.11
N LEU A 286 24.20 5.44 12.50
CA LEU A 286 23.50 4.69 11.45
C LEU A 286 22.67 3.51 11.96
N HIS A 287 21.78 3.03 11.08
CA HIS A 287 20.89 1.92 11.41
C HIS A 287 21.60 0.67 11.90
N GLY A 288 22.53 0.15 11.12
CA GLY A 288 23.24 -1.05 11.51
C GLY A 288 23.99 -0.89 12.83
N GLU A 289 24.52 0.30 13.05
CA GLU A 289 25.26 0.55 14.27
C GLU A 289 24.29 0.46 15.44
N CYS A 290 23.13 1.11 15.32
CA CYS A 290 22.13 1.09 16.38
C CYS A 290 21.70 -0.34 16.63
N VAL A 291 21.47 -1.07 15.55
CA VAL A 291 21.04 -2.45 15.63
C VAL A 291 22.11 -3.31 16.29
N ALA A 292 23.35 -2.85 16.23
CA ALA A 292 24.45 -3.59 16.83
C ALA A 292 24.30 -3.50 18.34
N ILE A 293 24.17 -2.28 18.84
CA ILE A 293 23.99 -2.09 20.27
C ILE A 293 22.73 -2.83 20.65
N GLY A 294 21.72 -2.72 19.78
CA GLY A 294 20.44 -3.37 20.01
C GLY A 294 20.55 -4.88 20.19
N MET A 295 21.39 -5.52 19.37
CA MET A 295 21.55 -6.98 19.49
C MET A 295 22.20 -7.34 20.81
N VAL A 296 23.08 -6.47 21.29
CA VAL A 296 23.74 -6.74 22.55
C VAL A 296 22.74 -6.68 23.71
N LYS A 297 21.96 -5.60 23.77
CA LYS A 297 20.99 -5.47 24.84
C LYS A 297 19.89 -6.52 24.81
N GLU A 298 19.41 -6.85 23.61
CA GLU A 298 18.39 -7.87 23.49
C GLU A 298 18.98 -9.23 23.83
N ALA A 299 20.28 -9.40 23.60
CA ALA A 299 20.96 -10.65 23.90
C ALA A 299 21.13 -10.72 25.42
N GLU A 300 21.38 -9.58 26.03
CA GLU A 300 21.55 -9.50 27.48
C GLU A 300 20.19 -9.72 28.13
N LEU A 301 19.12 -9.36 27.43
CA LEU A 301 17.77 -9.52 27.93
C LEU A 301 17.42 -11.01 27.95
N ALA A 302 17.79 -11.72 26.89
CA ALA A 302 17.52 -13.15 26.80
C ALA A 302 18.29 -13.87 27.92
N ARG A 303 19.36 -13.24 28.39
CA ARG A 303 20.16 -13.80 29.47
C ARG A 303 19.43 -13.57 30.77
N HIS A 304 18.99 -12.34 30.98
CA HIS A 304 18.25 -11.96 32.18
C HIS A 304 17.00 -12.80 32.35
N LEU A 305 16.58 -13.45 31.26
CA LEU A 305 15.38 -14.28 31.27
C LEU A 305 15.71 -15.77 31.28
N GLY A 306 16.99 -16.09 31.47
CA GLY A 306 17.42 -17.47 31.51
C GLY A 306 17.21 -18.22 30.22
N ILE A 307 17.13 -17.49 29.12
CA ILE A 307 16.93 -18.11 27.80
C ILE A 307 18.28 -18.31 27.12
N LEU A 308 19.09 -17.26 27.11
CA LEU A 308 20.40 -17.32 26.47
C LEU A 308 21.53 -17.42 27.49
N LYS A 309 22.53 -18.24 27.18
CA LYS A 309 23.67 -18.44 28.05
C LYS A 309 24.59 -17.22 28.05
N GLY A 310 25.26 -16.98 29.18
CA GLY A 310 26.16 -15.85 29.30
C GLY A 310 27.31 -15.90 28.31
N VAL A 311 27.69 -17.09 27.89
CA VAL A 311 28.80 -17.27 26.94
C VAL A 311 28.43 -16.75 25.55
N ALA A 312 27.27 -17.17 25.05
CA ALA A 312 26.80 -16.75 23.73
C ALA A 312 26.73 -15.24 23.66
N VAL A 313 26.28 -14.63 24.75
CA VAL A 313 26.17 -13.18 24.81
C VAL A 313 27.53 -12.53 24.54
N SER A 314 28.53 -12.90 25.33
CA SER A 314 29.87 -12.37 25.18
C SER A 314 30.37 -12.62 23.76
N ARG A 315 30.06 -13.80 23.23
CA ARG A 315 30.47 -14.13 21.88
C ARG A 315 29.79 -13.17 20.88
N ILE A 316 28.53 -12.83 21.13
CA ILE A 316 27.83 -11.91 20.25
C ILE A 316 28.59 -10.57 20.25
N VAL A 317 28.98 -10.15 21.45
CA VAL A 317 29.71 -8.90 21.64
C VAL A 317 31.05 -8.93 20.90
N LYS A 318 31.80 -10.02 21.07
CA LYS A 318 33.09 -10.18 20.43
C LYS A 318 33.02 -10.09 18.91
N CYS A 319 31.98 -10.66 18.32
CA CYS A 319 31.84 -10.64 16.87
C CYS A 319 31.54 -9.23 16.37
N LEU A 320 30.60 -8.55 17.02
CA LEU A 320 30.22 -7.19 16.64
C LEU A 320 31.43 -6.27 16.75
N ALA A 321 32.18 -6.41 17.84
CA ALA A 321 33.37 -5.61 18.07
C ALA A 321 34.41 -5.88 17.00
N ALA A 322 34.58 -7.16 16.66
CA ALA A 322 35.53 -7.59 15.66
C ALA A 322 35.32 -6.93 14.31
N TYR A 323 34.07 -6.63 13.98
CA TYR A 323 33.78 -6.00 12.71
C TYR A 323 33.73 -4.47 12.84
N GLY A 324 34.11 -3.98 14.01
CA GLY A 324 34.13 -2.55 14.24
C GLY A 324 32.79 -1.91 14.58
N LEU A 325 31.85 -2.71 15.06
CA LEU A 325 30.53 -2.20 15.42
C LEU A 325 30.43 -1.87 16.90
N PRO A 326 29.72 -0.79 17.24
CA PRO A 326 29.59 -0.45 18.66
C PRO A 326 28.80 -1.55 19.35
N THR A 327 29.01 -1.69 20.65
CA THR A 327 28.31 -2.70 21.42
C THR A 327 27.81 -2.08 22.71
N SER A 328 27.83 -0.75 22.77
CA SER A 328 27.39 -0.02 23.95
C SER A 328 27.06 1.43 23.64
N LEU A 329 26.05 1.95 24.33
CA LEU A 329 25.65 3.35 24.16
C LEU A 329 26.77 4.23 24.70
N LYS A 330 27.77 3.61 25.33
CA LYS A 330 28.90 4.34 25.90
C LYS A 330 30.08 4.42 24.95
N ASP A 331 29.96 3.79 23.79
CA ASP A 331 31.04 3.82 22.82
C ASP A 331 31.57 5.23 22.61
N ALA A 332 32.88 5.40 22.74
CA ALA A 332 33.54 6.68 22.59
C ALA A 332 33.16 7.34 21.26
N ARG A 333 33.22 6.56 20.20
CA ARG A 333 32.90 7.00 18.84
C ARG A 333 31.44 7.46 18.70
N ILE A 334 30.52 6.77 19.36
CA ILE A 334 29.12 7.13 19.31
C ILE A 334 28.89 8.48 19.96
N ARG A 335 29.54 8.71 21.10
CA ARG A 335 29.36 9.99 21.79
C ARG A 335 29.91 11.16 20.98
N LYS A 336 31.10 11.01 20.42
CA LYS A 336 31.69 12.10 19.64
C LYS A 336 30.78 12.46 18.47
N LEU A 337 30.24 11.46 17.81
CA LEU A 337 29.37 11.71 16.66
C LEU A 337 28.02 12.36 17.04
N THR A 338 27.48 12.00 18.18
CA THR A 338 26.19 12.53 18.61
C THR A 338 26.25 13.80 19.43
N ALA A 339 27.46 14.31 19.66
CA ALA A 339 27.63 15.52 20.45
C ALA A 339 27.10 15.31 21.86
N GLY A 340 27.12 14.06 22.32
CA GLY A 340 26.66 13.76 23.67
C GLY A 340 25.25 13.21 23.82
N LYS A 341 24.48 13.15 22.74
CA LYS A 341 23.10 12.65 22.81
C LYS A 341 22.95 11.55 23.86
N HIS A 342 22.01 11.77 24.78
CA HIS A 342 21.76 10.82 25.84
C HIS A 342 20.50 10.01 25.54
N CYS A 343 20.55 8.72 25.83
CA CYS A 343 19.42 7.83 25.61
C CYS A 343 18.83 7.48 26.97
N SER A 344 17.90 8.30 27.44
CA SER A 344 17.26 8.08 28.73
C SER A 344 16.31 6.89 28.64
N VAL A 345 16.33 6.05 29.67
CA VAL A 345 15.49 4.87 29.72
C VAL A 345 14.02 5.12 29.38
N ASP A 346 13.46 6.20 29.93
CA ASP A 346 12.06 6.52 29.67
C ASP A 346 11.82 6.83 28.20
N GLN A 347 12.83 7.41 27.55
CA GLN A 347 12.72 7.75 26.14
C GLN A 347 12.80 6.48 25.31
N LEU A 348 13.67 5.56 25.74
CA LEU A 348 13.84 4.29 25.04
C LEU A 348 12.60 3.44 25.20
N MET A 349 11.88 3.62 26.32
CA MET A 349 10.67 2.87 26.56
C MET A 349 9.51 3.47 25.78
N PHE A 350 9.45 4.80 25.72
CA PHE A 350 8.40 5.47 24.98
C PHE A 350 8.50 5.07 23.51
N ASN A 351 9.71 5.12 22.97
CA ASN A 351 9.96 4.77 21.59
C ASN A 351 9.60 3.31 21.28
N MET A 352 9.88 2.42 22.23
CA MET A 352 9.58 1.00 22.04
C MET A 352 8.07 0.72 22.01
N ALA A 353 7.28 1.67 22.51
CA ALA A 353 5.83 1.51 22.53
C ALA A 353 5.29 1.52 21.10
N LEU A 354 6.03 2.17 20.20
CA LEU A 354 5.67 2.26 18.79
C LEU A 354 6.23 1.10 17.96
N ASP A 355 6.77 0.08 18.61
CA ASP A 355 7.32 -1.05 17.87
C ASP A 355 6.19 -1.82 17.20
N LYS A 356 6.36 -2.11 15.91
CA LYS A 356 5.34 -2.80 15.14
C LYS A 356 5.03 -4.24 15.49
N LYS A 357 5.91 -4.91 16.21
CA LYS A 357 5.66 -6.30 16.56
C LYS A 357 4.75 -6.41 17.78
N ASN A 358 4.57 -5.31 18.51
CA ASN A 358 3.74 -5.31 19.71
C ASN A 358 2.32 -5.79 19.49
N ASP A 359 1.88 -6.69 20.37
CA ASP A 359 0.53 -7.21 20.34
C ASP A 359 -0.22 -6.32 21.32
N GLY A 360 -0.88 -5.29 20.82
CA GLY A 360 -1.57 -4.38 21.71
C GLY A 360 -0.45 -3.70 22.47
N PRO A 361 -0.59 -3.48 23.80
CA PRO A 361 0.48 -2.83 24.55
C PRO A 361 1.57 -3.81 25.03
N LYS A 362 1.44 -5.07 24.63
CA LYS A 362 2.41 -6.11 25.01
C LYS A 362 3.67 -6.04 24.15
N LYS A 363 4.75 -5.52 24.71
CA LYS A 363 6.00 -5.42 23.97
C LYS A 363 6.55 -6.80 23.63
N LYS A 364 6.78 -7.02 22.34
CA LYS A 364 7.31 -8.28 21.84
C LYS A 364 8.73 -8.06 21.33
N ILE A 365 9.63 -8.97 21.71
CA ILE A 365 11.02 -8.86 21.34
C ILE A 365 11.55 -10.25 21.03
N VAL A 366 12.37 -10.35 19.99
CA VAL A 366 12.95 -11.62 19.60
C VAL A 366 13.96 -12.05 20.67
N LEU A 367 13.84 -13.27 21.15
CA LEU A 367 14.74 -13.78 22.17
C LEU A 367 15.50 -14.99 21.67
N LEU A 368 16.82 -14.93 21.71
CA LEU A 368 17.65 -16.04 21.26
C LEU A 368 17.93 -16.94 22.47
N SER A 369 17.91 -18.25 22.25
CA SER A 369 18.18 -19.18 23.33
C SER A 369 19.61 -19.67 23.13
N ALA A 370 20.12 -19.46 21.91
CA ALA A 370 21.45 -19.86 21.52
C ALA A 370 21.75 -19.32 20.14
N ILE A 371 23.02 -19.06 19.86
CA ILE A 371 23.42 -18.56 18.57
C ILE A 371 22.98 -19.56 17.51
N GLY A 372 22.13 -19.11 16.59
CA GLY A 372 21.67 -19.99 15.53
C GLY A 372 20.26 -20.51 15.73
N THR A 373 19.70 -20.31 16.92
CA THR A 373 18.34 -20.78 17.19
C THR A 373 17.55 -19.87 18.14
N PRO A 374 16.45 -19.30 17.63
CA PRO A 374 15.59 -18.42 18.42
C PRO A 374 14.80 -19.22 19.46
N TYR A 375 14.33 -18.51 20.49
CA TYR A 375 13.55 -19.12 21.55
C TYR A 375 12.26 -19.67 20.97
N GLU A 376 11.58 -18.85 20.15
CA GLU A 376 10.33 -19.23 19.52
C GLU A 376 10.43 -18.92 18.04
N THR A 377 9.33 -19.14 17.31
CA THR A 377 9.27 -18.86 15.89
C THR A 377 8.57 -17.50 15.72
N ARG A 378 8.86 -16.59 16.63
CA ARG A 378 8.29 -15.25 16.62
C ARG A 378 8.87 -14.46 17.79
N ALA A 379 8.52 -13.19 17.89
CA ALA A 379 8.99 -12.36 19.00
C ALA A 379 8.28 -12.91 20.22
N SER A 380 8.68 -12.46 21.40
CA SER A 380 8.07 -12.92 22.65
C SER A 380 7.66 -11.72 23.48
N VAL A 381 6.53 -11.84 24.18
CA VAL A 381 6.08 -10.74 25.03
C VAL A 381 7.10 -10.65 26.17
N VAL A 382 7.43 -9.42 26.54
CA VAL A 382 8.38 -9.20 27.60
C VAL A 382 7.89 -8.06 28.47
N ALA A 383 7.82 -8.31 29.77
CA ALA A 383 7.38 -7.31 30.72
C ALA A 383 8.23 -6.06 30.55
N ASN A 384 7.60 -4.90 30.67
CA ASN A 384 8.31 -3.64 30.54
C ASN A 384 9.41 -3.50 31.58
N GLU A 385 9.21 -4.14 32.74
CA GLU A 385 10.21 -4.07 33.80
C GLU A 385 11.47 -4.84 33.46
N ASP A 386 11.31 -5.97 32.77
CA ASP A 386 12.46 -6.78 32.38
C ASP A 386 13.22 -6.08 31.26
N ILE A 387 12.58 -5.10 30.62
CA ILE A 387 13.20 -4.37 29.53
C ILE A 387 14.00 -3.20 30.11
N ARG A 388 13.49 -2.64 31.20
CA ARG A 388 14.13 -1.51 31.86
C ARG A 388 15.54 -1.85 32.30
N VAL A 389 15.73 -3.08 32.76
CA VAL A 389 17.04 -3.51 33.25
C VAL A 389 18.20 -3.42 32.27
N VAL A 390 17.99 -3.93 31.06
CA VAL A 390 19.06 -3.90 30.08
C VAL A 390 19.22 -2.58 29.35
N LEU A 391 18.28 -1.65 29.58
CA LEU A 391 18.35 -0.35 28.93
C LEU A 391 19.25 0.65 29.63
N ALA A 392 19.58 0.37 30.89
CA ALA A 392 20.47 1.25 31.64
C ALA A 392 21.91 0.92 31.25
N PRO A 393 22.57 1.83 30.49
CA PRO A 393 23.95 1.68 30.02
C PRO A 393 24.92 1.15 31.08
N PRO B 4 -30.98 -12.13 6.56
CA PRO B 4 -29.52 -11.92 6.66
C PRO B 4 -28.81 -12.56 5.46
N THR B 5 -28.45 -11.76 4.47
CA THR B 5 -27.77 -12.31 3.31
C THR B 5 -26.26 -12.19 3.40
N LYS B 6 -25.56 -13.25 3.03
CA LYS B 6 -24.12 -13.27 3.06
C LYS B 6 -23.60 -13.53 1.66
N ILE B 7 -22.63 -12.74 1.23
CA ILE B 7 -22.01 -12.89 -0.08
C ILE B 7 -20.52 -13.10 0.12
N SER B 8 -19.94 -13.93 -0.74
CA SER B 8 -18.51 -14.21 -0.65
C SER B 8 -17.76 -13.53 -1.77
N ILE B 9 -16.53 -13.12 -1.46
CA ILE B 9 -15.67 -12.47 -2.43
C ILE B 9 -14.24 -12.91 -2.09
N LEU B 10 -13.48 -13.31 -3.11
CA LEU B 10 -12.12 -13.76 -2.88
C LEU B 10 -12.01 -14.91 -1.86
N GLY B 11 -12.96 -15.82 -1.91
CA GLY B 11 -12.95 -16.98 -1.01
C GLY B 11 -13.32 -16.79 0.46
N ARG B 12 -13.90 -15.65 0.81
CA ARG B 12 -14.28 -15.38 2.19
C ARG B 12 -15.70 -14.82 2.29
N GLU B 13 -16.46 -15.25 3.28
CA GLU B 13 -17.81 -14.74 3.46
C GLU B 13 -17.76 -13.43 4.24
N SER B 14 -17.11 -12.44 3.68
CA SER B 14 -16.97 -11.14 4.33
C SER B 14 -18.20 -10.23 4.28
N ILE B 15 -19.06 -10.40 3.27
CA ILE B 15 -20.24 -9.56 3.11
C ILE B 15 -21.51 -10.01 3.82
N ILE B 16 -22.00 -9.16 4.73
CA ILE B 16 -23.24 -9.44 5.47
C ILE B 16 -24.23 -8.34 5.09
N ALA B 17 -25.44 -8.72 4.69
CA ALA B 17 -26.45 -7.75 4.29
C ALA B 17 -27.78 -7.97 5.02
N ASP B 18 -28.25 -6.93 5.69
CA ASP B 18 -29.49 -7.02 6.43
C ASP B 18 -29.94 -5.64 6.90
N PHE B 19 -31.13 -5.56 7.46
CA PHE B 19 -31.66 -4.31 7.97
C PHE B 19 -31.45 -4.25 9.48
N GLY B 20 -30.70 -3.26 9.94
CA GLY B 20 -30.44 -3.11 11.36
C GLY B 20 -29.08 -3.61 11.85
N LEU B 21 -28.25 -4.13 10.95
CA LEU B 21 -26.93 -4.63 11.32
C LEU B 21 -26.19 -3.67 12.25
N TRP B 22 -26.25 -2.37 11.96
CA TRP B 22 -25.58 -1.38 12.77
C TRP B 22 -26.04 -1.43 14.22
N ARG B 23 -27.34 -1.23 14.43
CA ARG B 23 -27.90 -1.23 15.79
C ARG B 23 -27.66 -2.48 16.62
N ASN B 24 -27.73 -3.65 16.01
CA ASN B 24 -27.53 -4.87 16.81
C ASN B 24 -26.72 -6.04 16.26
N TYR B 25 -25.71 -5.78 15.43
CA TYR B 25 -24.89 -6.87 14.89
C TYR B 25 -23.40 -6.56 14.74
N VAL B 26 -23.07 -5.37 14.23
CA VAL B 26 -21.68 -4.97 14.02
C VAL B 26 -20.82 -5.09 15.27
N ALA B 27 -21.13 -4.30 16.29
CA ALA B 27 -20.37 -4.32 17.55
C ALA B 27 -20.06 -5.75 17.98
N LYS B 28 -21.12 -6.54 18.17
CA LYS B 28 -20.99 -7.93 18.59
C LYS B 28 -20.07 -8.75 17.66
N ASP B 29 -20.26 -8.59 16.37
CA ASP B 29 -19.49 -9.33 15.37
C ASP B 29 -18.01 -8.92 15.34
N LEU B 30 -17.75 -7.63 15.52
CA LEU B 30 -16.39 -7.14 15.54
C LEU B 30 -15.60 -7.77 16.68
N ILE B 31 -16.19 -7.78 17.88
CA ILE B 31 -15.54 -8.36 19.05
C ILE B 31 -15.18 -9.84 18.92
N SER B 32 -16.03 -10.60 18.25
CA SER B 32 -15.80 -12.03 18.09
C SER B 32 -14.96 -12.45 16.88
N ASP B 33 -15.29 -11.90 15.72
CA ASP B 33 -14.57 -12.26 14.48
C ASP B 33 -13.43 -11.33 14.12
N CYS B 34 -13.36 -10.17 14.76
CA CYS B 34 -12.29 -9.21 14.52
C CYS B 34 -11.69 -8.85 15.85
N SER B 35 -11.27 -9.88 16.57
CA SER B 35 -10.67 -9.74 17.89
C SER B 35 -9.50 -8.76 17.88
N SER B 36 -9.50 -7.84 18.84
CA SER B 36 -8.44 -6.85 18.95
C SER B 36 -8.59 -6.01 20.22
N THR B 37 -7.53 -5.30 20.57
CA THR B 37 -7.54 -4.45 21.75
C THR B 37 -7.89 -3.03 21.35
N THR B 38 -7.80 -2.75 20.05
CA THR B 38 -8.05 -1.40 19.56
C THR B 38 -8.94 -1.31 18.32
N TYR B 39 -9.96 -0.45 18.40
CA TYR B 39 -10.90 -0.22 17.31
C TYR B 39 -10.95 1.27 16.98
N VAL B 40 -10.65 1.60 15.73
CA VAL B 40 -10.66 2.98 15.28
C VAL B 40 -11.80 3.20 14.30
N LEU B 41 -12.72 4.10 14.65
CA LEU B 41 -13.83 4.39 13.79
C LEU B 41 -13.65 5.74 13.10
N VAL B 42 -13.76 5.74 11.78
CA VAL B 42 -13.60 6.96 11.00
C VAL B 42 -14.90 7.30 10.25
N THR B 43 -15.29 8.57 10.30
CA THR B 43 -16.50 9.07 9.62
C THR B 43 -16.32 10.55 9.38
N ASP B 44 -17.40 11.23 9.04
CA ASP B 44 -17.37 12.67 8.85
C ASP B 44 -18.31 13.27 9.90
N THR B 45 -18.12 14.54 10.21
CA THR B 45 -18.92 15.22 11.20
C THR B 45 -20.43 15.01 11.08
N ASN B 46 -20.94 14.90 9.86
CA ASN B 46 -22.37 14.69 9.66
C ASN B 46 -22.80 13.30 10.12
N ILE B 47 -22.31 12.27 9.44
CA ILE B 47 -22.63 10.88 9.74
C ILE B 47 -22.37 10.51 11.20
N GLY B 48 -21.24 10.96 11.74
CA GLY B 48 -20.90 10.66 13.11
C GLY B 48 -21.98 11.06 14.09
N SER B 49 -22.28 12.35 14.13
CA SER B 49 -23.29 12.89 15.04
C SER B 49 -24.63 12.15 15.03
N ILE B 50 -24.93 11.45 13.94
CA ILE B 50 -26.20 10.73 13.85
C ILE B 50 -26.13 9.24 14.18
N TYR B 51 -24.99 8.62 13.88
CA TYR B 51 -24.85 7.18 14.11
C TYR B 51 -23.82 6.72 15.14
N THR B 52 -22.94 7.61 15.59
CA THR B 52 -21.93 7.19 16.55
C THR B 52 -22.45 6.88 17.94
N PRO B 53 -23.23 7.80 18.56
CA PRO B 53 -23.75 7.56 19.91
C PRO B 53 -24.32 6.15 20.07
N SER B 54 -25.14 5.73 19.12
CA SER B 54 -25.72 4.40 19.16
C SER B 54 -24.64 3.31 19.26
N PHE B 55 -23.63 3.43 18.42
CA PHE B 55 -22.55 2.44 18.35
C PHE B 55 -21.65 2.39 19.58
N GLU B 56 -21.33 3.54 20.15
CA GLU B 56 -20.47 3.58 21.32
C GLU B 56 -21.04 2.71 22.43
N GLU B 57 -22.34 2.85 22.67
CA GLU B 57 -22.99 2.08 23.72
C GLU B 57 -23.09 0.60 23.36
N ALA B 58 -23.28 0.30 22.08
CA ALA B 58 -23.37 -1.09 21.66
C ALA B 58 -22.00 -1.72 21.81
N PHE B 59 -20.95 -0.94 21.55
CA PHE B 59 -19.58 -1.44 21.67
C PHE B 59 -19.22 -1.64 23.14
N ARG B 60 -19.38 -0.58 23.93
CA ARG B 60 -19.07 -0.64 25.35
C ARG B 60 -19.86 -1.76 26.04
N LYS B 61 -21.02 -2.09 25.48
CA LYS B 61 -21.88 -3.12 26.04
C LYS B 61 -21.37 -4.51 25.69
N ARG B 62 -20.68 -4.63 24.56
CA ARG B 62 -20.14 -5.91 24.13
C ARG B 62 -18.73 -6.08 24.65
N ALA B 63 -18.08 -4.96 24.93
CA ALA B 63 -16.71 -4.96 25.43
C ALA B 63 -16.65 -5.27 26.92
N ALA B 64 -17.71 -4.90 27.65
CA ALA B 64 -17.77 -5.13 29.10
C ALA B 64 -17.36 -6.57 29.47
N GLU B 65 -17.56 -7.52 28.57
CA GLU B 65 -17.18 -8.91 28.84
C GLU B 65 -15.65 -9.06 28.84
N ILE B 66 -15.05 -8.82 27.67
CA ILE B 66 -13.60 -8.92 27.50
C ILE B 66 -12.83 -8.15 28.57
N THR B 67 -11.63 -8.64 28.88
CA THR B 67 -10.80 -8.00 29.88
C THR B 67 -9.33 -8.38 29.64
N PRO B 68 -8.41 -7.38 29.60
CA PRO B 68 -8.66 -5.95 29.77
C PRO B 68 -9.62 -5.44 28.70
N SER B 69 -10.32 -4.37 29.00
CA SER B 69 -11.29 -3.80 28.09
C SER B 69 -10.72 -3.21 26.80
N PRO B 70 -11.27 -3.63 25.64
CA PRO B 70 -10.81 -3.12 24.34
C PRO B 70 -11.35 -1.71 24.18
N ARG B 71 -10.61 -0.85 23.50
CA ARG B 71 -11.02 0.53 23.33
C ARG B 71 -11.59 0.84 21.95
N LEU B 72 -12.37 1.92 21.87
CA LEU B 72 -12.97 2.36 20.62
C LEU B 72 -12.59 3.83 20.48
N LEU B 73 -11.83 4.14 19.43
CA LEU B 73 -11.40 5.50 19.19
C LEU B 73 -12.14 6.04 17.99
N ILE B 74 -12.67 7.25 18.12
CA ILE B 74 -13.43 7.86 17.03
C ILE B 74 -12.76 9.08 16.43
N TYR B 75 -12.68 9.11 15.11
CA TYR B 75 -12.08 10.23 14.42
C TYR B 75 -13.06 10.78 13.40
N ASN B 76 -13.37 12.07 13.54
CA ASN B 76 -14.30 12.72 12.64
C ASN B 76 -13.57 13.58 11.61
N ARG B 77 -13.68 13.19 10.35
CA ARG B 77 -13.04 13.94 9.27
C ARG B 77 -14.08 14.88 8.67
N PRO B 78 -13.63 15.94 8.01
CA PRO B 78 -14.59 16.89 7.39
C PRO B 78 -15.36 16.19 6.28
N PRO B 79 -16.66 16.48 6.15
CA PRO B 79 -17.42 15.82 5.08
C PRO B 79 -16.98 16.37 3.73
N GLY B 80 -17.32 15.65 2.66
CA GLY B 80 -16.94 16.11 1.33
C GLY B 80 -15.69 15.47 0.75
N GLU B 81 -15.57 15.58 -0.56
CA GLU B 81 -14.46 15.03 -1.31
C GLU B 81 -13.11 15.56 -0.80
N VAL B 82 -13.11 16.78 -0.27
CA VAL B 82 -11.90 17.41 0.24
C VAL B 82 -11.13 16.52 1.21
N SER B 83 -11.82 15.57 1.85
CA SER B 83 -11.15 14.70 2.81
C SER B 83 -10.33 13.57 2.22
N LYS B 84 -10.56 13.20 0.97
CA LYS B 84 -9.75 12.15 0.36
C LYS B 84 -8.49 12.86 -0.12
N SER B 85 -7.66 13.26 0.84
CA SER B 85 -6.43 13.97 0.54
C SER B 85 -5.24 13.40 1.30
N ARG B 86 -4.05 13.83 0.91
CA ARG B 86 -2.81 13.40 1.57
C ARG B 86 -2.80 13.92 2.99
N GLN B 87 -3.28 15.15 3.16
CA GLN B 87 -3.32 15.79 4.47
C GLN B 87 -4.18 15.02 5.47
N THR B 88 -5.40 14.68 5.07
CA THR B 88 -6.30 13.95 5.95
C THR B 88 -5.76 12.56 6.24
N LYS B 89 -5.07 11.96 5.26
CA LYS B 89 -4.51 10.64 5.46
C LYS B 89 -3.43 10.78 6.52
N ALA B 90 -2.61 11.81 6.37
CA ALA B 90 -1.54 12.03 7.33
C ALA B 90 -2.09 12.32 8.71
N ASP B 91 -3.07 13.21 8.79
CA ASP B 91 -3.66 13.55 10.09
C ASP B 91 -4.20 12.34 10.84
N ILE B 92 -4.96 11.50 10.16
CA ILE B 92 -5.51 10.33 10.85
C ILE B 92 -4.39 9.42 11.35
N GLU B 93 -3.38 9.22 10.51
CA GLU B 93 -2.24 8.40 10.90
C GLU B 93 -1.53 8.99 12.12
N ASP B 94 -1.17 10.27 12.07
CA ASP B 94 -0.48 10.89 13.20
C ASP B 94 -1.32 10.78 14.48
N TRP B 95 -2.62 10.85 14.33
CA TRP B 95 -3.54 10.76 15.45
C TRP B 95 -3.55 9.33 16.00
N MET B 96 -3.47 8.35 15.10
CA MET B 96 -3.46 6.96 15.50
C MET B 96 -2.15 6.55 16.15
N LEU B 97 -1.07 7.15 15.69
CA LEU B 97 0.26 6.87 16.21
C LEU B 97 0.47 7.62 17.54
N SER B 98 -0.25 8.73 17.71
CA SER B 98 -0.13 9.53 18.92
C SER B 98 -0.93 9.03 20.13
N GLN B 99 -1.87 8.12 19.91
CA GLN B 99 -2.68 7.60 21.02
C GLN B 99 -1.83 6.99 22.12
N ASN B 100 -2.43 6.80 23.30
CA ASN B 100 -1.69 6.22 24.41
C ASN B 100 -2.46 5.08 25.04
N PRO B 101 -2.05 3.84 24.76
CA PRO B 101 -0.92 3.49 23.90
C PRO B 101 -1.19 3.76 22.42
N PRO B 102 -0.15 3.76 21.58
CA PRO B 102 -0.33 4.01 20.14
C PRO B 102 -1.12 2.87 19.49
N CYS B 103 -1.92 3.20 18.47
CA CYS B 103 -2.67 2.16 17.76
C CYS B 103 -1.63 1.30 17.05
N GLY B 104 -1.65 0.00 17.31
CA GLY B 104 -0.67 -0.89 16.71
C GLY B 104 -1.24 -1.77 15.63
N ARG B 105 -0.44 -2.74 15.19
CA ARG B 105 -0.86 -3.64 14.12
C ARG B 105 -2.10 -4.51 14.39
N ASP B 106 -2.64 -4.47 15.59
CA ASP B 106 -3.84 -5.26 15.89
C ASP B 106 -5.07 -4.39 15.67
N THR B 107 -4.83 -3.10 15.47
CA THR B 107 -5.91 -2.13 15.25
C THR B 107 -6.86 -2.58 14.16
N VAL B 108 -8.15 -2.43 14.45
CA VAL B 108 -9.20 -2.78 13.51
C VAL B 108 -9.89 -1.48 13.20
N VAL B 109 -9.71 -0.99 11.98
CA VAL B 109 -10.32 0.27 11.56
C VAL B 109 -11.74 0.08 11.03
N ILE B 110 -12.60 1.02 11.34
CA ILE B 110 -14.00 0.97 10.94
C ILE B 110 -14.36 2.18 10.07
N ALA B 111 -14.65 1.92 8.80
CA ALA B 111 -15.03 2.99 7.88
C ALA B 111 -16.55 3.17 7.88
N LEU B 112 -17.03 4.23 8.50
CA LEU B 112 -18.47 4.49 8.55
C LEU B 112 -18.82 5.69 7.68
N GLY B 113 -19.36 5.42 6.49
CA GLY B 113 -19.72 6.50 5.58
C GLY B 113 -19.84 6.04 4.14
N GLY B 114 -19.73 6.98 3.22
CA GLY B 114 -19.81 6.65 1.81
C GLY B 114 -18.47 6.35 1.20
N GLY B 115 -18.38 6.53 -0.11
CA GLY B 115 -17.14 6.26 -0.83
C GLY B 115 -15.97 7.09 -0.36
N VAL B 116 -16.20 8.33 0.00
CA VAL B 116 -15.13 9.19 0.49
C VAL B 116 -14.50 8.60 1.74
N ILE B 117 -15.29 8.44 2.78
CA ILE B 117 -14.78 7.86 4.03
C ILE B 117 -14.19 6.49 3.75
N GLY B 118 -14.93 5.68 2.98
CA GLY B 118 -14.48 4.34 2.65
C GLY B 118 -13.12 4.32 1.97
N ASP B 119 -13.01 5.05 0.86
CA ASP B 119 -11.75 5.11 0.13
C ASP B 119 -10.61 5.60 1.01
N LEU B 120 -10.89 6.63 1.78
CA LEU B 120 -9.90 7.23 2.67
C LEU B 120 -9.46 6.27 3.76
N THR B 121 -10.42 5.82 4.54
CA THR B 121 -10.17 4.91 5.64
C THR B 121 -9.48 3.62 5.19
N GLY B 122 -9.97 3.04 4.10
CA GLY B 122 -9.37 1.81 3.61
C GLY B 122 -7.93 2.01 3.25
N PHE B 123 -7.62 3.18 2.69
CA PHE B 123 -6.26 3.47 2.28
C PHE B 123 -5.36 3.62 3.50
N VAL B 124 -5.88 4.25 4.55
CA VAL B 124 -5.14 4.45 5.78
C VAL B 124 -4.80 3.10 6.40
N ALA B 125 -5.75 2.18 6.39
CA ALA B 125 -5.53 0.86 6.96
C ALA B 125 -4.46 0.06 6.18
N SER B 126 -4.49 0.16 4.85
CA SER B 126 -3.52 -0.57 4.03
C SER B 126 -2.06 -0.25 4.30
N THR B 127 -1.76 1.01 4.63
CA THR B 127 -0.38 1.41 4.85
C THR B 127 0.00 1.66 6.32
N TYR B 128 -0.97 1.63 7.24
CA TYR B 128 -0.68 1.87 8.65
C TYR B 128 0.20 0.74 9.17
N MET B 129 1.46 1.06 9.45
CA MET B 129 2.42 0.07 9.92
C MET B 129 2.45 -1.05 8.91
N ARG B 130 2.30 -0.67 7.64
CA ARG B 130 2.30 -1.61 6.51
C ARG B 130 1.04 -2.46 6.40
N GLY B 131 -0.03 -2.07 7.08
CA GLY B 131 -1.26 -2.80 6.99
C GLY B 131 -1.92 -3.35 8.25
N VAL B 132 -3.17 -2.91 8.50
CA VAL B 132 -3.97 -3.38 9.63
C VAL B 132 -5.35 -3.72 9.08
N ARG B 133 -6.12 -4.46 9.85
CA ARG B 133 -7.47 -4.84 9.42
C ARG B 133 -8.41 -3.66 9.43
N TYR B 134 -9.47 -3.76 8.63
CA TYR B 134 -10.50 -2.73 8.60
C TYR B 134 -11.79 -3.30 8.07
N VAL B 135 -12.91 -2.68 8.45
CA VAL B 135 -14.23 -3.10 8.00
C VAL B 135 -14.95 -1.92 7.35
N GLN B 136 -15.88 -2.24 6.47
CA GLN B 136 -16.68 -1.23 5.77
C GLN B 136 -18.13 -1.20 6.24
N VAL B 137 -18.61 -0.01 6.54
CA VAL B 137 -20.00 0.19 6.97
C VAL B 137 -20.55 1.30 6.08
N PRO B 138 -20.92 0.94 4.85
CA PRO B 138 -21.46 1.87 3.85
C PRO B 138 -22.80 2.45 4.27
N THR B 139 -22.87 3.77 4.33
CA THR B 139 -24.08 4.47 4.71
C THR B 139 -24.83 5.07 3.51
N THR B 140 -24.26 4.93 2.32
CA THR B 140 -24.89 5.43 1.10
C THR B 140 -25.17 4.27 0.16
N LEU B 141 -26.13 4.48 -0.74
CA LEU B 141 -26.50 3.45 -1.70
C LEU B 141 -25.31 3.09 -2.56
N LEU B 142 -24.62 4.10 -3.09
CA LEU B 142 -23.46 3.87 -3.93
C LEU B 142 -22.44 3.02 -3.20
N ALA B 143 -22.20 3.34 -1.93
CA ALA B 143 -21.25 2.58 -1.13
C ALA B 143 -21.71 1.12 -0.96
N MET B 144 -22.99 0.95 -0.64
CA MET B 144 -23.55 -0.38 -0.44
C MET B 144 -23.52 -1.25 -1.68
N VAL B 145 -23.72 -0.66 -2.85
CA VAL B 145 -23.74 -1.43 -4.09
C VAL B 145 -22.44 -1.46 -4.84
N ASP B 146 -21.45 -0.69 -4.42
CA ASP B 146 -20.20 -0.68 -5.15
C ASP B 146 -18.90 -0.41 -4.40
N SER B 147 -18.67 0.85 -4.05
CA SER B 147 -17.44 1.30 -3.38
C SER B 147 -16.91 0.48 -2.21
N SER B 148 -17.77 0.08 -1.27
CA SER B 148 -17.33 -0.69 -0.12
C SER B 148 -16.91 -2.12 -0.43
N ILE B 149 -17.09 -2.55 -1.68
CA ILE B 149 -16.76 -3.91 -2.07
C ILE B 149 -15.61 -3.99 -3.05
N GLY B 150 -14.68 -4.92 -2.82
CA GLY B 150 -13.58 -5.08 -3.74
C GLY B 150 -12.19 -4.63 -3.33
N GLY B 151 -12.08 -3.88 -2.24
CA GLY B 151 -10.76 -3.45 -1.79
C GLY B 151 -10.08 -2.22 -2.38
N LYS B 152 -10.61 -1.64 -3.44
CA LYS B 152 -9.95 -0.46 -4.00
C LYS B 152 -10.10 0.73 -3.07
N THR B 153 -8.98 1.37 -2.76
CA THR B 153 -8.97 2.55 -1.89
C THR B 153 -8.08 3.59 -2.56
N ALA B 154 -8.22 4.84 -2.15
CA ALA B 154 -7.42 5.91 -2.73
C ALA B 154 -7.78 7.31 -2.22
N ILE B 155 -6.92 8.26 -2.53
CA ILE B 155 -7.14 9.65 -2.18
C ILE B 155 -6.87 10.38 -3.48
N ASP B 156 -7.21 11.67 -3.50
CA ASP B 156 -6.99 12.47 -4.70
C ASP B 156 -5.78 13.37 -4.51
N THR B 157 -5.27 13.89 -5.63
CA THR B 157 -4.15 14.82 -5.61
C THR B 157 -4.59 16.00 -6.46
N PRO B 158 -3.89 17.14 -6.34
CA PRO B 158 -4.25 18.33 -7.11
C PRO B 158 -4.38 18.04 -8.61
N LEU B 159 -3.65 17.04 -9.07
CA LEU B 159 -3.65 16.68 -10.49
C LEU B 159 -4.79 15.74 -10.90
N GLY B 160 -5.46 15.12 -9.95
CA GLY B 160 -6.54 14.23 -10.35
C GLY B 160 -7.19 13.41 -9.25
N LYS B 161 -8.13 12.56 -9.65
CA LYS B 161 -8.87 11.70 -8.73
C LYS B 161 -8.38 10.25 -8.71
N ASN B 162 -8.29 9.68 -7.50
CA ASN B 162 -7.88 8.29 -7.32
C ASN B 162 -6.55 7.96 -8.00
N LEU B 163 -5.55 8.83 -7.84
CA LEU B 163 -4.25 8.60 -8.46
C LEU B 163 -3.28 7.83 -7.56
N ILE B 164 -3.46 7.97 -6.24
CA ILE B 164 -2.63 7.28 -5.26
C ILE B 164 -3.55 6.40 -4.43
N GLY B 165 -3.20 5.13 -4.26
CA GLY B 165 -4.05 4.27 -3.46
C GLY B 165 -3.55 2.85 -3.29
N ALA B 166 -4.47 1.94 -3.00
CA ALA B 166 -4.11 0.53 -2.80
C ALA B 166 -5.33 -0.38 -2.78
N ILE B 167 -5.08 -1.66 -3.08
CA ILE B 167 -6.14 -2.67 -3.05
C ILE B 167 -5.90 -3.38 -1.71
N TRP B 168 -6.78 -3.10 -0.76
CA TRP B 168 -6.70 -3.67 0.57
C TRP B 168 -8.11 -4.15 0.88
N GLN B 169 -8.29 -5.46 0.99
CA GLN B 169 -9.61 -6.03 1.25
C GLN B 169 -10.06 -5.87 2.68
N PRO B 170 -11.30 -5.42 2.89
CA PRO B 170 -11.82 -5.26 4.25
C PRO B 170 -12.10 -6.64 4.81
N THR B 171 -11.95 -6.81 6.12
CA THR B 171 -12.19 -8.10 6.74
C THR B 171 -13.68 -8.42 6.76
N LYS B 172 -14.50 -7.38 6.88
CA LYS B 172 -15.95 -7.52 6.91
C LYS B 172 -16.59 -6.36 6.14
N ILE B 173 -17.76 -6.63 5.57
CA ILE B 173 -18.51 -5.61 4.85
C ILE B 173 -19.95 -5.65 5.37
N TYR B 174 -20.32 -4.62 6.13
CA TYR B 174 -21.65 -4.56 6.71
C TYR B 174 -22.59 -3.67 5.92
N ILE B 175 -23.50 -4.29 5.17
CA ILE B 175 -24.48 -3.54 4.38
C ILE B 175 -25.79 -3.48 5.16
N ASP B 176 -26.04 -2.34 5.79
CA ASP B 176 -27.26 -2.12 6.58
C ASP B 176 -28.23 -1.22 5.83
N LEU B 177 -29.21 -1.83 5.16
CA LEU B 177 -30.20 -1.10 4.39
C LEU B 177 -30.88 0.02 5.16
N GLU B 178 -30.88 -0.06 6.49
CA GLU B 178 -31.52 0.96 7.30
C GLU B 178 -30.89 2.34 7.12
N PHE B 179 -29.62 2.39 6.74
CA PHE B 179 -28.94 3.66 6.52
C PHE B 179 -29.62 4.44 5.39
N LEU B 180 -30.24 3.71 4.46
CA LEU B 180 -30.93 4.32 3.32
C LEU B 180 -32.18 5.10 3.74
N GLU B 181 -32.65 4.88 4.97
CA GLU B 181 -33.84 5.56 5.46
C GLU B 181 -33.66 7.07 5.45
N THR B 182 -32.46 7.54 5.77
CA THR B 182 -32.18 8.96 5.83
C THR B 182 -31.32 9.51 4.69
N LEU B 183 -31.04 8.68 3.69
CA LEU B 183 -30.22 9.10 2.56
C LEU B 183 -30.96 10.06 1.61
N PRO B 184 -30.42 11.29 1.44
CA PRO B 184 -31.02 12.29 0.55
C PRO B 184 -31.34 11.74 -0.83
N VAL B 185 -32.46 12.18 -1.38
CA VAL B 185 -32.91 11.74 -2.70
C VAL B 185 -31.79 11.77 -3.73
N ARG B 186 -31.07 12.89 -3.80
CA ARG B 186 -29.99 13.03 -4.77
C ARG B 186 -28.96 11.91 -4.60
N GLU B 187 -28.49 11.73 -3.36
CA GLU B 187 -27.51 10.69 -3.07
C GLU B 187 -28.03 9.33 -3.52
N PHE B 188 -29.31 9.05 -3.24
CA PHE B 188 -29.87 7.76 -3.64
C PHE B 188 -29.79 7.63 -5.16
N ILE B 189 -30.17 8.69 -5.88
CA ILE B 189 -30.12 8.67 -7.34
C ILE B 189 -28.68 8.44 -7.81
N ASN B 190 -27.74 9.07 -7.10
CA ASN B 190 -26.33 8.96 -7.41
C ASN B 190 -25.92 7.49 -7.47
N GLY B 191 -26.25 6.75 -6.42
CA GLY B 191 -25.89 5.34 -6.34
C GLY B 191 -26.52 4.46 -7.41
N MET B 192 -27.71 4.84 -7.88
CA MET B 192 -28.38 4.06 -8.91
C MET B 192 -27.55 4.01 -10.19
N ALA B 193 -26.72 5.03 -10.40
CA ALA B 193 -25.85 5.07 -11.57
C ALA B 193 -24.95 3.83 -11.60
N GLU B 194 -24.47 3.41 -10.43
CA GLU B 194 -23.60 2.24 -10.33
C GLU B 194 -24.40 0.94 -10.44
N VAL B 195 -25.62 0.94 -9.91
CA VAL B 195 -26.46 -0.26 -9.99
C VAL B 195 -26.76 -0.57 -11.44
N ILE B 196 -27.13 0.46 -12.20
CA ILE B 196 -27.43 0.31 -13.63
C ILE B 196 -26.20 -0.14 -14.39
N LYS B 197 -25.06 0.46 -14.06
CA LYS B 197 -23.80 0.11 -14.73
C LYS B 197 -23.51 -1.38 -14.57
N THR B 198 -23.58 -1.85 -13.32
CA THR B 198 -23.30 -3.24 -12.99
C THR B 198 -24.19 -4.23 -13.73
N ALA B 199 -25.46 -3.87 -13.92
CA ALA B 199 -26.37 -4.74 -14.64
C ALA B 199 -26.07 -4.74 -16.14
N ALA B 200 -25.80 -3.55 -16.66
CA ALA B 200 -25.51 -3.36 -18.08
C ALA B 200 -24.32 -4.18 -18.56
N ILE B 201 -23.43 -4.58 -17.66
CA ILE B 201 -22.27 -5.35 -18.06
C ILE B 201 -22.36 -6.82 -17.68
N SER B 202 -23.46 -7.19 -17.04
CA SER B 202 -23.62 -8.57 -16.60
C SER B 202 -24.84 -9.34 -17.14
N SER B 203 -26.04 -8.79 -16.98
CA SER B 203 -27.23 -9.50 -17.47
C SER B 203 -28.35 -8.59 -17.94
N GLU B 204 -28.91 -8.91 -19.11
CA GLU B 204 -30.00 -8.14 -19.69
C GLU B 204 -31.24 -8.34 -18.82
N GLU B 205 -31.34 -9.52 -18.23
CA GLU B 205 -32.45 -9.84 -17.34
C GLU B 205 -32.49 -8.83 -16.19
N GLU B 206 -31.36 -8.66 -15.50
CA GLU B 206 -31.29 -7.73 -14.37
C GLU B 206 -31.57 -6.30 -14.80
N PHE B 207 -30.97 -5.89 -15.91
CA PHE B 207 -31.16 -4.54 -16.42
C PHE B 207 -32.65 -4.28 -16.68
N THR B 208 -33.35 -5.31 -17.15
CA THR B 208 -34.78 -5.19 -17.42
C THR B 208 -35.51 -4.93 -16.09
N ALA B 209 -35.22 -5.75 -15.09
CA ALA B 209 -35.86 -5.59 -13.77
C ALA B 209 -35.68 -4.15 -13.29
N LEU B 210 -34.48 -3.60 -13.49
CA LEU B 210 -34.22 -2.22 -13.09
C LEU B 210 -35.12 -1.26 -13.86
N GLU B 211 -35.36 -1.59 -15.13
CA GLU B 211 -36.23 -0.76 -15.97
C GLU B 211 -37.65 -0.76 -15.42
N GLU B 212 -38.08 -1.89 -14.89
CA GLU B 212 -39.44 -2.02 -14.36
C GLU B 212 -39.63 -1.44 -12.96
N ASN B 213 -38.67 -1.66 -12.06
CA ASN B 213 -38.77 -1.15 -10.70
C ASN B 213 -38.55 0.35 -10.65
N ALA B 214 -38.20 0.92 -11.79
CA ALA B 214 -37.92 2.35 -11.89
C ALA B 214 -38.90 3.28 -11.16
N GLU B 215 -40.20 3.14 -11.42
CA GLU B 215 -41.21 3.99 -10.78
C GLU B 215 -41.47 3.70 -9.31
N THR B 216 -41.59 2.43 -8.98
CA THR B 216 -41.83 2.01 -7.60
C THR B 216 -40.70 2.51 -6.70
N ILE B 217 -39.46 2.27 -7.13
CA ILE B 217 -38.30 2.70 -6.37
C ILE B 217 -38.34 4.21 -6.15
N LEU B 218 -38.51 4.94 -7.23
CA LEU B 218 -38.54 6.41 -7.20
C LEU B 218 -39.64 6.99 -6.32
N LYS B 219 -40.84 6.41 -6.39
CA LYS B 219 -41.93 6.90 -5.57
C LYS B 219 -41.56 6.79 -4.10
N ALA B 220 -40.97 5.68 -3.70
CA ALA B 220 -40.56 5.47 -2.31
C ALA B 220 -39.47 6.49 -1.91
N VAL B 221 -38.50 6.70 -2.79
CA VAL B 221 -37.39 7.64 -2.54
C VAL B 221 -37.89 9.08 -2.41
N ARG B 222 -38.82 9.45 -3.30
CA ARG B 222 -39.39 10.79 -3.31
C ARG B 222 -40.61 10.89 -2.39
N ARG B 231 -39.16 3.38 5.05
CA ARG B 231 -39.83 4.19 3.99
C ARG B 231 -39.90 3.41 2.68
N PHE B 232 -39.37 2.19 2.69
CA PHE B 232 -39.39 1.36 1.50
C PHE B 232 -40.29 0.15 1.77
N GLU B 233 -41.36 0.40 2.52
CA GLU B 233 -42.33 -0.62 2.91
C GLU B 233 -42.51 -1.85 2.02
N GLY B 234 -43.54 -1.84 1.18
CA GLY B 234 -43.79 -2.98 0.33
C GLY B 234 -42.88 -3.11 -0.88
N THR B 235 -41.64 -2.62 -0.73
CA THR B 235 -40.68 -2.68 -1.82
C THR B 235 -39.31 -3.10 -1.30
N GLU B 236 -39.23 -3.32 0.02
CA GLU B 236 -37.98 -3.72 0.67
C GLU B 236 -37.28 -4.85 -0.06
N GLU B 237 -37.98 -5.94 -0.29
CA GLU B 237 -37.42 -7.11 -0.96
C GLU B 237 -37.01 -6.83 -2.40
N ILE B 238 -37.58 -5.79 -3.00
CA ILE B 238 -37.27 -5.40 -4.37
C ILE B 238 -35.96 -4.63 -4.34
N LEU B 239 -35.88 -3.68 -3.42
CA LEU B 239 -34.69 -2.88 -3.24
C LEU B 239 -33.50 -3.81 -2.97
N LYS B 240 -33.64 -4.63 -1.93
CA LYS B 240 -32.61 -5.58 -1.52
C LYS B 240 -32.15 -6.52 -2.63
N ALA B 241 -33.09 -6.98 -3.44
CA ALA B 241 -32.74 -7.88 -4.54
C ALA B 241 -31.89 -7.13 -5.57
N ARG B 242 -32.18 -5.85 -5.77
CA ARG B 242 -31.43 -5.03 -6.73
C ARG B 242 -30.03 -4.76 -6.20
N ILE B 243 -29.96 -4.41 -4.91
CA ILE B 243 -28.69 -4.13 -4.25
C ILE B 243 -27.79 -5.36 -4.33
N LEU B 244 -28.29 -6.48 -3.82
CA LEU B 244 -27.56 -7.74 -3.81
C LEU B 244 -27.07 -8.23 -5.17
N ALA B 245 -27.87 -8.03 -6.21
CA ALA B 245 -27.45 -8.48 -7.55
C ALA B 245 -26.21 -7.69 -7.95
N SER B 246 -26.21 -6.41 -7.61
CA SER B 246 -25.09 -5.52 -7.90
C SER B 246 -23.86 -6.00 -7.11
N ALA B 247 -24.00 -6.12 -5.80
CA ALA B 247 -22.92 -6.56 -4.94
C ALA B 247 -22.39 -7.94 -5.32
N ARG B 248 -23.30 -8.84 -5.72
CA ARG B 248 -22.89 -10.18 -6.10
C ARG B 248 -22.04 -10.24 -7.36
N HIS B 249 -22.38 -9.41 -8.36
CA HIS B 249 -21.61 -9.44 -9.59
C HIS B 249 -20.23 -8.81 -9.41
N LYS B 250 -20.14 -7.82 -8.55
CA LYS B 250 -18.85 -7.19 -8.31
C LYS B 250 -17.95 -8.20 -7.60
N ALA B 251 -18.48 -8.83 -6.55
CA ALA B 251 -17.71 -9.81 -5.80
C ALA B 251 -17.17 -10.86 -6.77
N TYR B 252 -17.99 -11.24 -7.73
CA TYR B 252 -17.61 -12.22 -8.74
C TYR B 252 -16.40 -11.76 -9.53
N VAL B 253 -16.52 -10.56 -10.12
CA VAL B 253 -15.43 -10.00 -10.92
C VAL B 253 -14.16 -9.74 -10.12
N VAL B 254 -14.32 -9.26 -8.90
CA VAL B 254 -13.17 -8.98 -8.06
C VAL B 254 -12.46 -10.28 -7.69
N SER B 255 -13.25 -11.34 -7.54
CA SER B 255 -12.68 -12.64 -7.19
C SER B 255 -11.85 -13.16 -8.36
N ALA B 256 -12.35 -12.98 -9.57
CA ALA B 256 -11.67 -13.45 -10.77
C ALA B 256 -10.48 -12.59 -11.18
N ASP B 257 -10.52 -11.29 -10.88
CA ASP B 257 -9.43 -10.41 -11.27
C ASP B 257 -9.21 -9.29 -10.25
N GLU B 258 -8.78 -9.67 -9.05
CA GLU B 258 -8.58 -8.70 -7.97
C GLU B 258 -7.74 -7.46 -8.31
N ARG B 259 -6.48 -7.65 -8.69
CA ARG B 259 -5.61 -6.53 -8.99
C ARG B 259 -5.75 -5.98 -10.39
N GLU B 260 -6.95 -6.17 -10.96
CA GLU B 260 -7.29 -5.68 -12.28
C GLU B 260 -6.24 -5.90 -13.38
N GLY B 261 -6.07 -7.16 -13.75
CA GLY B 261 -5.14 -7.49 -14.80
C GLY B 261 -5.93 -7.71 -16.08
N GLY B 262 -7.25 -7.45 -16.02
CA GLY B 262 -8.09 -7.61 -17.19
C GLY B 262 -9.59 -7.44 -16.99
N LEU B 263 -10.26 -8.52 -16.58
CA LEU B 263 -11.70 -8.52 -16.39
C LEU B 263 -12.27 -7.44 -15.47
N ARG B 264 -11.50 -7.00 -14.48
CA ARG B 264 -11.99 -5.96 -13.56
C ARG B 264 -12.17 -4.61 -14.25
N ASN B 265 -11.67 -4.51 -15.49
CA ASN B 265 -11.80 -3.30 -16.27
C ASN B 265 -13.27 -2.98 -16.43
N LEU B 266 -14.04 -4.03 -16.71
CA LEU B 266 -15.48 -3.90 -16.94
C LEU B 266 -16.23 -3.11 -15.88
N LEU B 267 -15.80 -3.21 -14.62
CA LEU B 267 -16.45 -2.47 -13.54
C LEU B 267 -16.26 -0.98 -13.75
N ASN B 268 -15.34 -0.63 -14.66
CA ASN B 268 -15.04 0.77 -14.94
C ASN B 268 -15.81 1.30 -16.15
N TRP B 269 -16.82 0.56 -16.61
CA TRP B 269 -17.62 1.02 -17.76
C TRP B 269 -18.22 2.38 -17.44
N GLY B 270 -18.12 3.30 -18.39
CA GLY B 270 -18.65 4.64 -18.20
C GLY B 270 -17.74 5.54 -17.37
N HIS B 271 -16.68 4.97 -16.81
CA HIS B 271 -15.75 5.73 -15.98
C HIS B 271 -14.59 6.36 -16.73
N SER B 272 -14.25 5.83 -17.90
CA SER B 272 -13.15 6.38 -18.69
C SER B 272 -13.51 7.83 -18.99
N ILE B 273 -14.66 8.02 -19.62
CA ILE B 273 -15.14 9.37 -19.94
C ILE B 273 -15.75 9.98 -18.67
N GLY B 274 -16.36 9.14 -17.83
CA GLY B 274 -16.97 9.62 -16.60
C GLY B 274 -16.02 10.37 -15.69
N HIS B 275 -14.88 9.75 -15.41
CA HIS B 275 -13.85 10.36 -14.56
C HIS B 275 -13.33 11.64 -15.17
N ALA B 276 -13.21 11.66 -16.50
CA ALA B 276 -12.75 12.84 -17.21
C ALA B 276 -13.75 13.95 -16.95
N ILE B 277 -15.03 13.65 -17.15
CA ILE B 277 -16.11 14.60 -16.91
C ILE B 277 -16.02 15.08 -15.45
N GLU B 278 -15.96 14.12 -14.54
CA GLU B 278 -15.93 14.41 -13.11
C GLU B 278 -14.81 15.35 -12.66
N ALA B 279 -13.59 15.10 -13.11
CA ALA B 279 -12.45 15.93 -12.74
C ALA B 279 -12.72 17.42 -13.00
N ILE B 280 -13.68 17.70 -13.87
CA ILE B 280 -14.03 19.09 -14.18
C ILE B 280 -15.22 19.58 -13.37
N LEU B 281 -16.34 18.86 -13.45
CA LEU B 281 -17.56 19.27 -12.76
C LEU B 281 -17.62 19.05 -11.25
N THR B 282 -16.64 18.34 -10.70
CA THR B 282 -16.61 18.09 -9.26
C THR B 282 -16.22 19.41 -8.60
N PRO B 283 -16.68 19.66 -7.36
CA PRO B 283 -17.53 18.85 -6.51
C PRO B 283 -19.03 19.16 -6.61
N GLN B 284 -19.39 20.09 -7.49
CA GLN B 284 -20.80 20.43 -7.65
C GLN B 284 -21.58 19.23 -8.19
N ILE B 285 -21.00 18.52 -9.15
CA ILE B 285 -21.64 17.34 -9.73
C ILE B 285 -21.08 16.09 -9.04
N LEU B 286 -21.93 15.11 -8.79
CA LEU B 286 -21.49 13.89 -8.09
C LEU B 286 -20.95 12.80 -9.01
N HIS B 287 -20.26 11.85 -8.40
CA HIS B 287 -19.65 10.74 -9.11
C HIS B 287 -20.60 9.93 -9.97
N GLY B 288 -21.68 9.44 -9.36
CA GLY B 288 -22.65 8.63 -10.09
C GLY B 288 -23.28 9.40 -11.24
N GLU B 289 -23.50 10.69 -11.03
CA GLU B 289 -24.09 11.53 -12.06
C GLU B 289 -23.11 11.61 -13.23
N CYS B 290 -21.84 11.89 -12.95
CA CYS B 290 -20.84 11.98 -14.00
C CYS B 290 -20.74 10.66 -14.74
N VAL B 291 -20.77 9.58 -13.97
CA VAL B 291 -20.67 8.24 -14.54
C VAL B 291 -21.88 7.93 -15.40
N ALA B 292 -22.97 8.65 -15.15
CA ALA B 292 -24.20 8.46 -15.92
C ALA B 292 -23.95 9.00 -17.31
N ILE B 293 -23.52 10.27 -17.37
CA ILE B 293 -23.24 10.88 -18.66
C ILE B 293 -22.17 10.03 -19.33
N GLY B 294 -21.22 9.59 -18.52
CA GLY B 294 -20.13 8.76 -19.02
C GLY B 294 -20.60 7.49 -19.69
N MET B 295 -21.60 6.84 -19.11
CA MET B 295 -22.11 5.59 -19.70
C MET B 295 -22.76 5.84 -21.05
N VAL B 296 -23.42 6.97 -21.18
CA VAL B 296 -24.07 7.29 -22.43
C VAL B 296 -23.05 7.48 -23.53
N LYS B 297 -22.03 8.30 -23.27
CA LYS B 297 -20.99 8.54 -24.28
C LYS B 297 -20.20 7.29 -24.65
N GLU B 298 -19.87 6.48 -23.66
CA GLU B 298 -19.12 5.26 -23.93
C GLU B 298 -20.00 4.26 -24.68
N ALA B 299 -21.32 4.38 -24.48
CA ALA B 299 -22.26 3.50 -25.16
C ALA B 299 -22.37 3.98 -26.59
N GLU B 300 -22.33 5.30 -26.76
CA GLU B 300 -22.41 5.91 -28.09
C GLU B 300 -21.13 5.61 -28.85
N LEU B 301 -20.04 5.44 -28.10
CA LEU B 301 -18.74 5.12 -28.70
C LEU B 301 -18.77 3.70 -29.25
N ALA B 302 -19.32 2.79 -28.47
CA ALA B 302 -19.42 1.39 -28.88
C ALA B 302 -20.29 1.30 -30.14
N ARG B 303 -21.16 2.29 -30.32
CA ARG B 303 -22.03 2.32 -31.48
C ARG B 303 -21.19 2.80 -32.66
N HIS B 304 -20.47 3.89 -32.46
CA HIS B 304 -19.63 4.47 -33.49
C HIS B 304 -18.61 3.46 -33.99
N LEU B 305 -18.38 2.41 -33.21
CA LEU B 305 -17.43 1.37 -33.55
C LEU B 305 -18.11 0.10 -34.07
N GLY B 306 -19.42 0.18 -34.28
CA GLY B 306 -20.17 -0.97 -34.77
C GLY B 306 -20.20 -2.15 -33.83
N ILE B 307 -20.00 -1.88 -32.55
CA ILE B 307 -20.00 -2.93 -31.54
C ILE B 307 -21.39 -3.03 -30.90
N LEU B 308 -21.92 -1.89 -30.49
CA LEU B 308 -23.22 -1.84 -29.85
C LEU B 308 -24.29 -1.31 -30.79
N LYS B 309 -25.47 -1.93 -30.72
CA LYS B 309 -26.60 -1.55 -31.57
C LYS B 309 -27.20 -0.22 -31.11
N GLY B 310 -27.74 0.54 -32.06
CA GLY B 310 -28.34 1.82 -31.74
C GLY B 310 -29.50 1.73 -30.78
N VAL B 311 -30.17 0.59 -30.76
CA VAL B 311 -31.33 0.39 -29.89
C VAL B 311 -30.91 0.29 -28.42
N ALA B 312 -29.90 -0.52 -28.15
CA ALA B 312 -29.39 -0.72 -26.79
C ALA B 312 -28.95 0.61 -26.18
N VAL B 313 -28.27 1.43 -26.98
CA VAL B 313 -27.78 2.74 -26.52
C VAL B 313 -28.95 3.60 -26.03
N SER B 314 -30.00 3.70 -26.86
CA SER B 314 -31.18 4.48 -26.51
C SER B 314 -31.82 3.93 -25.25
N ARG B 315 -31.80 2.61 -25.13
CA ARG B 315 -32.37 1.93 -23.97
C ARG B 315 -31.55 2.30 -22.74
N ILE B 316 -30.23 2.38 -22.91
CA ILE B 316 -29.33 2.76 -21.82
C ILE B 316 -29.75 4.14 -21.35
N VAL B 317 -30.00 5.03 -22.30
CA VAL B 317 -30.41 6.40 -22.01
C VAL B 317 -31.75 6.45 -21.26
N LYS B 318 -32.72 5.69 -21.77
CA LYS B 318 -34.06 5.63 -21.17
C LYS B 318 -34.02 5.21 -19.70
N CYS B 319 -33.20 4.21 -19.40
CA CYS B 319 -33.10 3.72 -18.04
C CYS B 319 -32.48 4.75 -17.10
N LEU B 320 -31.39 5.37 -17.53
CA LEU B 320 -30.71 6.39 -16.73
C LEU B 320 -31.66 7.54 -16.45
N ALA B 321 -32.37 7.97 -17.50
CA ALA B 321 -33.32 9.07 -17.38
C ALA B 321 -34.43 8.71 -16.41
N ALA B 322 -34.91 7.47 -16.53
CA ALA B 322 -35.99 6.96 -15.69
C ALA B 322 -35.68 7.05 -14.20
N TYR B 323 -34.40 6.91 -13.85
CA TYR B 323 -34.02 6.98 -12.45
C TYR B 323 -33.61 8.40 -12.05
N GLY B 324 -33.82 9.34 -12.97
CA GLY B 324 -33.47 10.72 -12.69
C GLY B 324 -32.01 11.09 -12.85
N LEU B 325 -31.28 10.31 -13.64
CA LEU B 325 -29.86 10.58 -13.86
C LEU B 325 -29.63 11.36 -15.14
N PRO B 326 -28.66 12.29 -15.15
CA PRO B 326 -28.40 13.05 -16.36
C PRO B 326 -27.86 12.11 -17.43
N THR B 327 -28.07 12.45 -18.69
CA THR B 327 -27.59 11.64 -19.79
C THR B 327 -26.90 12.52 -20.81
N SER B 328 -26.62 13.76 -20.41
CA SER B 328 -25.97 14.71 -21.31
C SER B 328 -25.30 15.86 -20.57
N LEU B 329 -24.22 16.35 -21.15
CA LEU B 329 -23.49 17.48 -20.58
C LEU B 329 -24.36 18.73 -20.67
N LYS B 330 -25.33 18.71 -21.59
CA LYS B 330 -26.23 19.84 -21.78
C LYS B 330 -27.27 19.91 -20.68
N ASP B 331 -27.76 18.74 -20.25
CA ASP B 331 -28.76 18.62 -19.19
C ASP B 331 -28.91 19.89 -18.34
N ALA B 332 -30.10 20.49 -18.41
CA ALA B 332 -30.41 21.72 -17.69
C ALA B 332 -29.99 21.70 -16.23
N ARG B 333 -30.21 20.58 -15.56
CA ARG B 333 -29.87 20.42 -14.15
C ARG B 333 -28.38 20.63 -13.90
N ILE B 334 -27.54 19.94 -14.67
CA ILE B 334 -26.09 20.04 -14.53
C ILE B 334 -25.65 21.47 -14.83
N ARG B 335 -26.21 22.04 -15.90
CA ARG B 335 -25.90 23.40 -16.31
C ARG B 335 -26.00 24.36 -15.14
N LYS B 336 -27.20 24.46 -14.56
CA LYS B 336 -27.45 25.35 -13.43
C LYS B 336 -26.44 25.10 -12.32
N LEU B 337 -26.43 23.88 -11.79
CA LEU B 337 -25.52 23.50 -10.72
C LEU B 337 -24.06 23.89 -10.97
N THR B 338 -23.63 23.92 -12.23
CA THR B 338 -22.25 24.28 -12.55
C THR B 338 -22.15 25.50 -13.47
N ALA B 339 -22.94 26.52 -13.17
CA ALA B 339 -22.99 27.75 -13.95
C ALA B 339 -21.74 28.13 -14.72
N GLY B 340 -20.59 28.10 -14.05
CA GLY B 340 -19.36 28.47 -14.72
C GLY B 340 -18.33 27.39 -14.98
N LYS B 341 -18.72 26.36 -15.75
CA LYS B 341 -17.81 25.26 -16.09
C LYS B 341 -18.21 24.57 -17.40
N HIS B 342 -17.24 24.40 -18.29
CA HIS B 342 -17.45 23.76 -19.59
C HIS B 342 -16.56 22.52 -19.71
N CYS B 343 -16.91 21.65 -20.65
CA CYS B 343 -16.15 20.42 -20.90
C CYS B 343 -15.73 20.34 -22.36
N SER B 344 -14.61 20.96 -22.68
CA SER B 344 -14.08 20.96 -24.04
C SER B 344 -13.49 19.58 -24.37
N VAL B 345 -13.46 19.25 -25.65
CA VAL B 345 -12.92 17.97 -26.08
C VAL B 345 -11.47 17.84 -25.62
N ASP B 346 -10.75 18.96 -25.60
CA ASP B 346 -9.36 18.99 -25.17
C ASP B 346 -9.18 18.60 -23.71
N GLN B 347 -9.75 19.38 -22.80
CA GLN B 347 -9.64 19.11 -21.37
C GLN B 347 -10.10 17.70 -21.04
N LEU B 348 -11.14 17.23 -21.73
CA LEU B 348 -11.65 15.88 -21.51
C LEU B 348 -10.60 14.87 -21.91
N MET B 349 -9.93 15.14 -23.03
CA MET B 349 -8.89 14.26 -23.53
C MET B 349 -7.64 14.26 -22.64
N PHE B 350 -7.26 15.43 -22.14
CA PHE B 350 -6.09 15.54 -21.26
C PHE B 350 -6.39 14.75 -20.00
N ASN B 351 -7.64 14.82 -19.56
CA ASN B 351 -8.05 14.13 -18.35
C ASN B 351 -8.04 12.63 -18.51
N MET B 352 -8.50 12.15 -19.66
CA MET B 352 -8.52 10.72 -19.91
C MET B 352 -7.10 10.12 -20.01
N ALA B 353 -6.11 10.98 -20.18
CA ALA B 353 -4.73 10.53 -20.29
C ALA B 353 -4.30 9.90 -18.98
N LEU B 354 -4.84 10.42 -17.88
CA LEU B 354 -4.54 9.94 -16.54
C LEU B 354 -5.34 8.72 -16.13
N ASP B 355 -6.16 8.18 -17.04
CA ASP B 355 -6.96 7.01 -16.69
C ASP B 355 -6.04 5.86 -16.36
N LYS B 356 -6.30 5.20 -15.23
CA LYS B 356 -5.48 4.11 -14.76
C LYS B 356 -5.52 2.84 -15.60
N LYS B 357 -6.46 2.74 -16.53
CA LYS B 357 -6.56 1.55 -17.39
C LYS B 357 -5.75 1.67 -18.67
N ASN B 358 -5.26 2.88 -18.95
CA ASN B 358 -4.51 3.09 -20.17
C ASN B 358 -3.22 2.30 -20.21
N ASP B 359 -3.06 1.54 -21.27
CA ASP B 359 -1.87 0.72 -21.48
C ASP B 359 -0.88 1.61 -22.19
N GLY B 360 -0.08 2.33 -21.41
CA GLY B 360 0.87 3.24 -21.99
C GLY B 360 0.01 4.36 -22.49
N PRO B 361 0.37 5.00 -23.62
CA PRO B 361 -0.46 6.09 -24.12
C PRO B 361 -1.77 5.59 -24.74
N LYS B 362 -1.92 4.27 -24.82
CA LYS B 362 -3.13 3.69 -25.39
C LYS B 362 -4.31 3.84 -24.44
N LYS B 363 -5.27 4.70 -24.80
CA LYS B 363 -6.44 4.90 -23.96
C LYS B 363 -7.36 3.68 -24.04
N LYS B 364 -7.64 3.05 -22.91
CA LYS B 364 -8.53 1.90 -22.90
C LYS B 364 -9.90 2.31 -22.38
N ILE B 365 -10.94 1.70 -22.94
CA ILE B 365 -12.33 1.98 -22.58
C ILE B 365 -13.17 0.71 -22.75
N VAL B 366 -14.02 0.44 -21.77
CA VAL B 366 -14.90 -0.74 -21.80
C VAL B 366 -15.95 -0.54 -22.90
N LEU B 367 -16.08 -1.51 -23.78
CA LEU B 367 -17.05 -1.42 -24.88
C LEU B 367 -18.11 -2.52 -24.75
N LEU B 368 -19.38 -2.13 -24.75
CA LEU B 368 -20.46 -3.09 -24.67
C LEU B 368 -20.93 -3.43 -26.07
N SER B 369 -21.18 -4.70 -26.33
CA SER B 369 -21.65 -5.14 -27.64
C SER B 369 -23.17 -5.32 -27.54
N ALA B 370 -23.64 -5.41 -26.31
CA ALA B 370 -25.06 -5.59 -26.02
C ALA B 370 -25.27 -5.51 -24.52
N ILE B 371 -26.44 -5.04 -24.11
CA ILE B 371 -26.77 -4.92 -22.70
C ILE B 371 -26.62 -6.29 -22.06
N GLY B 372 -25.72 -6.40 -21.08
CA GLY B 372 -25.51 -7.67 -20.41
C GLY B 372 -24.26 -8.42 -20.84
N THR B 373 -23.63 -7.97 -21.91
CA THR B 373 -22.43 -8.64 -22.40
C THR B 373 -21.40 -7.68 -23.00
N PRO B 374 -20.21 -7.61 -22.39
CA PRO B 374 -19.14 -6.74 -22.87
C PRO B 374 -18.53 -7.28 -24.16
N TYR B 375 -17.86 -6.40 -24.90
CA TYR B 375 -17.20 -6.78 -26.15
C TYR B 375 -16.09 -7.79 -25.85
N GLU B 376 -15.28 -7.47 -24.84
CA GLU B 376 -14.18 -8.33 -24.42
C GLU B 376 -14.26 -8.52 -22.90
N THR B 377 -13.29 -9.25 -22.36
CA THR B 377 -13.21 -9.48 -20.92
C THR B 377 -12.20 -8.48 -20.35
N ARG B 378 -12.25 -7.26 -20.87
CA ARG B 378 -11.36 -6.19 -20.44
C ARG B 378 -11.70 -4.94 -21.24
N ALA B 379 -11.04 -3.84 -20.93
CA ALA B 379 -11.26 -2.60 -21.65
C ALA B 379 -10.65 -2.83 -23.03
N SER B 380 -10.91 -1.93 -23.97
CA SER B 380 -10.37 -2.06 -25.32
C SER B 380 -9.64 -0.79 -25.72
N VAL B 381 -8.54 -0.93 -26.44
CA VAL B 381 -7.82 0.25 -26.89
C VAL B 381 -8.70 0.96 -27.90
N VAL B 382 -8.73 2.28 -27.81
CA VAL B 382 -9.55 3.06 -28.72
C VAL B 382 -8.78 4.28 -29.15
N ALA B 383 -8.71 4.48 -30.47
CA ALA B 383 -8.01 5.60 -31.04
C ALA B 383 -8.55 6.88 -30.42
N ASN B 384 -7.66 7.83 -30.18
CA ASN B 384 -8.05 9.10 -29.58
C ASN B 384 -9.04 9.86 -30.47
N GLU B 385 -8.96 9.62 -31.78
CA GLU B 385 -9.86 10.28 -32.72
C GLU B 385 -11.29 9.76 -32.60
N ASP B 386 -11.43 8.46 -32.34
CA ASP B 386 -12.76 7.88 -32.17
C ASP B 386 -13.37 8.31 -30.84
N ILE B 387 -12.53 8.82 -29.95
CA ILE B 387 -13.02 9.27 -28.65
C ILE B 387 -13.47 10.72 -28.76
N ARG B 388 -12.80 11.48 -29.61
CA ARG B 388 -13.12 12.88 -29.82
C ARG B 388 -14.57 13.08 -30.28
N VAL B 389 -15.05 12.15 -31.11
CA VAL B 389 -16.40 12.24 -31.63
C VAL B 389 -17.48 12.34 -30.56
N VAL B 390 -17.57 11.32 -29.72
CA VAL B 390 -18.59 11.28 -28.66
C VAL B 390 -18.37 12.20 -27.45
N LEU B 391 -17.26 12.93 -27.44
CA LEU B 391 -16.95 13.81 -26.31
C LEU B 391 -17.49 15.24 -26.36
N ALA B 392 -18.40 15.50 -27.28
CA ALA B 392 -18.95 16.85 -27.39
C ALA B 392 -20.48 16.95 -27.22
N PRO B 393 -21.25 16.05 -27.86
CA PRO B 393 -22.71 16.03 -27.79
C PRO B 393 -23.40 17.06 -26.89
#